data_6I5Y
#
_entry.id   6I5Y
#
_cell.length_a   81.393
_cell.length_b   66.508
_cell.length_c   91.710
_cell.angle_alpha   90.000
_cell.angle_beta   101.730
_cell.angle_gamma   90.000
#
_symmetry.space_group_name_H-M   'P 1 21 1'
#
loop_
_entity.id
_entity.type
_entity.pdbx_description
1 polymer 'Tyrosine--tRNA ligase'
2 non-polymer "5'-O-[N-(L-TYROSYL)SULFAMOYL]ADENOSINE"
3 non-polymer 1,2-ETHANEDIOL
4 water water
#
_entity_poly.entity_id   1
_entity_poly.type   'polypeptide(L)'
_entity_poly.pdbx_seq_one_letter_code
;MASSNLIKQLQERGLVAQVTDEEALAERLAQGPIALYCGFDPTADSLHLGHLVPLLCLKRFQQAGHKPVALVGGATGLIG
DPSFKAAERKLNTEETVQEWVDKIRKQVAPFLDFDCGENSAIAANNYDWFGNMNVLTFLRDIGKHFSVNQMINKEAVKQR
LNREDQGISFTEFSYNLLQGYDFACLNKQYGVVLQIGGSDQWGNITSGIDLTRRLHQNQVFGLTVPLITKADGTKFGKTE
GGAVWLDPKKTSPYKFYQFWINTADADVYRFLKFFTFMSIEEINALEEEDKNSGKAPRAQYVLAEQVTRLVHGEEGLQAA
KRITECLFSGSLSALSEADFEQLAQDGVPMVEMEKGADLMQALVDSELQPSRGQARKTIASNAITINGEKQSDPEYFFKE
EERLFGRFTLLRRGKKNYCLICWK
;
_entity_poly.pdbx_strand_id   A,B
#
loop_
_chem_comp.id
_chem_comp.type
_chem_comp.name
_chem_comp.formula
EDO non-polymer 1,2-ETHANEDIOL 'C2 H6 O2'
YSA non-polymer 5'-O-[N-(L-TYROSYL)SULFAMOYL]ADENOSINE 'C19 H23 N7 O8 S'
#
# COMPACT_ATOMS: atom_id res chain seq x y z
N ASN A 5 -20.70 4.62 -36.23
CA ASN A 5 -20.05 4.79 -34.94
C ASN A 5 -20.00 3.45 -34.20
N LEU A 6 -18.77 3.00 -33.95
CA LEU A 6 -18.48 1.74 -33.29
C LEU A 6 -19.12 1.62 -31.88
N ILE A 7 -19.10 2.71 -31.06
CA ILE A 7 -19.70 2.69 -29.72
C ILE A 7 -21.18 2.42 -29.84
N LYS A 8 -21.86 3.10 -30.80
CA LYS A 8 -23.29 2.93 -31.06
C LYS A 8 -23.56 1.47 -31.46
N GLN A 9 -22.72 0.89 -32.33
CA GLN A 9 -22.83 -0.50 -32.80
C GLN A 9 -22.71 -1.47 -31.62
N LEU A 10 -21.72 -1.25 -30.72
CA LEU A 10 -21.51 -2.10 -29.53
C LEU A 10 -22.68 -1.96 -28.54
N GLN A 11 -23.21 -0.72 -28.37
CA GLN A 11 -24.36 -0.47 -27.51
C GLN A 11 -25.60 -1.24 -28.00
N GLU A 12 -25.76 -1.39 -29.34
CA GLU A 12 -26.86 -2.13 -29.99
C GLU A 12 -26.76 -3.65 -29.79
N ARG A 13 -25.54 -4.18 -29.52
CA ARG A 13 -25.35 -5.62 -29.24
C ARG A 13 -25.51 -5.86 -27.74
N GLY A 14 -25.64 -4.77 -26.98
CA GLY A 14 -25.76 -4.81 -25.53
C GLY A 14 -24.40 -5.02 -24.89
N LEU A 15 -23.32 -4.67 -25.60
CA LEU A 15 -21.95 -4.88 -25.13
C LEU A 15 -21.32 -3.69 -24.40
N VAL A 16 -22.10 -2.66 -24.07
CA VAL A 16 -21.52 -1.50 -23.36
C VAL A 16 -22.22 -1.33 -22.03
N ALA A 17 -21.49 -1.53 -20.91
CA ALA A 17 -22.01 -1.32 -19.56
C ALA A 17 -21.85 0.18 -19.26
N GLN A 18 -20.61 0.69 -19.31
CA GLN A 18 -20.29 2.11 -19.09
C GLN A 18 -19.16 2.56 -20.02
N VAL A 19 -19.08 3.86 -20.27
CA VAL A 19 -18.04 4.43 -21.10
C VAL A 19 -17.73 5.84 -20.60
N THR A 20 -16.44 6.15 -20.46
CA THR A 20 -16.03 7.48 -20.01
C THR A 20 -16.08 8.48 -21.16
N ASP A 21 -16.50 9.73 -20.87
CA ASP A 21 -16.49 10.88 -21.81
C ASP A 21 -16.78 10.41 -23.26
N GLU A 22 -17.89 9.64 -23.40
CA GLU A 22 -18.37 8.95 -24.58
C GLU A 22 -18.32 9.73 -25.90
N GLU A 23 -18.78 11.01 -25.90
CA GLU A 23 -18.81 11.82 -27.14
C GLU A 23 -17.39 12.01 -27.70
N ALA A 24 -16.43 12.28 -26.81
CA ALA A 24 -15.03 12.46 -27.17
C ALA A 24 -14.42 11.15 -27.68
N LEU A 25 -14.69 10.01 -27.01
CA LEU A 25 -14.18 8.72 -27.50
C LEU A 25 -14.70 8.41 -28.90
N ALA A 26 -16.02 8.61 -29.15
CA ALA A 26 -16.63 8.36 -30.46
C ALA A 26 -15.96 9.20 -31.53
N GLU A 27 -15.61 10.47 -31.18
CA GLU A 27 -14.94 11.39 -32.11
C GLU A 27 -13.52 10.91 -32.42
N ARG A 28 -12.75 10.54 -31.38
CA ARG A 28 -11.40 10.01 -31.56
C ARG A 28 -11.43 8.71 -32.41
N LEU A 29 -12.39 7.81 -32.13
CA LEU A 29 -12.60 6.56 -32.89
C LEU A 29 -12.91 6.87 -34.36
N ALA A 30 -13.75 7.89 -34.62
CA ALA A 30 -14.14 8.35 -35.96
C ALA A 30 -12.97 8.91 -36.77
N GLN A 31 -12.02 9.60 -36.11
CA GLN A 31 -10.84 10.23 -36.72
C GLN A 31 -9.94 9.23 -37.43
N GLY A 32 -9.58 8.15 -36.74
CA GLY A 32 -8.72 7.10 -37.29
C GLY A 32 -8.36 6.04 -36.29
N PRO A 33 -7.48 5.07 -36.65
CA PRO A 33 -7.13 3.99 -35.70
C PRO A 33 -6.49 4.41 -34.38
N ILE A 34 -6.96 3.79 -33.32
CA ILE A 34 -6.45 4.01 -31.95
C ILE A 34 -5.85 2.70 -31.49
N ALA A 35 -5.01 2.77 -30.45
CA ALA A 35 -4.51 1.56 -29.78
C ALA A 35 -5.34 1.43 -28.50
N LEU A 36 -5.78 0.19 -28.21
CA LEU A 36 -6.56 -0.11 -27.01
C LEU A 36 -6.03 -1.33 -26.35
N TYR A 37 -6.43 -1.58 -25.09
CA TYR A 37 -6.00 -2.80 -24.42
C TYR A 37 -7.02 -3.38 -23.49
N CYS A 38 -6.84 -4.66 -23.21
CA CYS A 38 -7.57 -5.38 -22.17
C CYS A 38 -6.58 -6.31 -21.52
N GLY A 39 -6.66 -6.40 -20.20
CA GLY A 39 -5.82 -7.30 -19.42
C GLY A 39 -6.54 -8.55 -18.95
N PHE A 40 -5.76 -9.63 -18.81
CA PHE A 40 -6.22 -10.96 -18.38
C PHE A 40 -5.26 -11.48 -17.33
N ASP A 41 -5.75 -11.73 -16.09
CA ASP A 41 -4.84 -12.24 -15.05
C ASP A 41 -4.67 -13.75 -15.06
N PRO A 42 -3.44 -14.27 -14.80
CA PRO A 42 -3.24 -15.72 -14.77
C PRO A 42 -3.59 -16.31 -13.41
N THR A 43 -4.86 -16.71 -13.25
CA THR A 43 -5.32 -17.33 -12.00
C THR A 43 -5.67 -18.81 -12.23
N ALA A 44 -5.46 -19.30 -13.46
CA ALA A 44 -5.65 -20.71 -13.86
C ALA A 44 -4.86 -20.97 -15.12
N ASP A 45 -4.80 -22.24 -15.57
CA ASP A 45 -4.09 -22.63 -16.78
C ASP A 45 -4.89 -22.38 -18.08
N SER A 46 -6.07 -21.75 -17.97
CA SER A 46 -6.94 -21.47 -19.11
C SER A 46 -7.89 -20.32 -18.82
N LEU A 47 -8.34 -19.63 -19.89
CA LEU A 47 -9.41 -18.65 -19.79
C LEU A 47 -10.73 -19.44 -19.83
N HIS A 48 -11.84 -18.82 -19.40
CA HIS A 48 -13.17 -19.42 -19.47
C HIS A 48 -14.05 -18.50 -20.34
N LEU A 49 -15.33 -18.86 -20.47
CA LEU A 49 -16.29 -18.11 -21.29
C LEU A 49 -16.46 -16.66 -20.93
N GLY A 50 -16.39 -16.34 -19.64
CA GLY A 50 -16.46 -14.96 -19.18
C GLY A 50 -15.38 -14.10 -19.80
N HIS A 51 -14.12 -14.57 -19.75
CA HIS A 51 -12.97 -13.88 -20.35
C HIS A 51 -13.11 -13.69 -21.87
N LEU A 52 -13.85 -14.60 -22.53
CA LEU A 52 -14.06 -14.52 -23.97
C LEU A 52 -14.80 -13.24 -24.37
N VAL A 53 -15.72 -12.72 -23.52
CA VAL A 53 -16.49 -11.50 -23.83
C VAL A 53 -15.56 -10.31 -24.19
N PRO A 54 -14.69 -9.79 -23.28
CA PRO A 54 -13.82 -8.66 -23.70
C PRO A 54 -12.76 -9.08 -24.71
N LEU A 55 -12.36 -10.38 -24.72
CA LEU A 55 -11.39 -10.85 -25.72
C LEU A 55 -11.93 -10.68 -27.14
N LEU A 56 -13.19 -11.13 -27.38
CA LEU A 56 -13.80 -10.94 -28.69
C LEU A 56 -14.03 -9.45 -28.95
N CYS A 57 -14.31 -8.64 -27.90
CA CYS A 57 -14.46 -7.20 -28.07
C CYS A 57 -13.15 -6.56 -28.59
N LEU A 58 -11.96 -7.10 -28.23
CA LEU A 58 -10.66 -6.61 -28.74
C LEU A 58 -10.63 -6.85 -30.24
N LYS A 59 -11.10 -8.03 -30.66
CA LYS A 59 -11.18 -8.37 -32.09
C LYS A 59 -12.23 -7.50 -32.81
N ARG A 60 -13.36 -7.15 -32.14
CA ARG A 60 -14.38 -6.27 -32.75
C ARG A 60 -13.75 -4.89 -33.05
N PHE A 61 -12.88 -4.40 -32.17
CA PHE A 61 -12.17 -3.13 -32.42
C PHE A 61 -11.14 -3.26 -33.54
N GLN A 62 -10.44 -4.42 -33.60
CA GLN A 62 -9.44 -4.68 -34.64
C GLN A 62 -10.07 -4.73 -36.02
N GLN A 63 -11.24 -5.39 -36.14
CA GLN A 63 -12.00 -5.47 -37.39
C GLN A 63 -12.39 -4.05 -37.89
N ALA A 64 -12.62 -3.11 -36.95
CA ALA A 64 -12.93 -1.70 -37.23
C ALA A 64 -11.66 -0.86 -37.53
N GLY A 65 -10.49 -1.50 -37.52
CA GLY A 65 -9.21 -0.87 -37.85
C GLY A 65 -8.34 -0.46 -36.68
N HIS A 66 -8.77 -0.74 -35.45
CA HIS A 66 -7.97 -0.35 -34.29
C HIS A 66 -6.95 -1.43 -33.92
N LYS A 67 -5.94 -1.03 -33.13
CA LYS A 67 -4.80 -1.83 -32.70
C LYS A 67 -4.99 -2.39 -31.28
N PRO A 68 -5.24 -3.71 -31.19
CA PRO A 68 -5.46 -4.33 -29.88
C PRO A 68 -4.19 -4.76 -29.15
N VAL A 69 -4.13 -4.44 -27.87
CA VAL A 69 -3.03 -4.88 -27.01
C VAL A 69 -3.61 -5.85 -26.00
N ALA A 70 -3.19 -7.12 -26.04
CA ALA A 70 -3.68 -8.14 -25.10
C ALA A 70 -2.63 -8.34 -24.00
N LEU A 71 -2.93 -7.84 -22.81
CA LEU A 71 -1.99 -7.92 -21.71
C LEU A 71 -2.31 -9.12 -20.84
N VAL A 72 -1.27 -9.86 -20.46
CA VAL A 72 -1.39 -11.00 -19.53
C VAL A 72 -0.68 -10.53 -18.27
N GLY A 73 -1.36 -10.62 -17.13
CA GLY A 73 -0.85 -10.09 -15.86
C GLY A 73 0.19 -10.91 -15.12
N GLY A 74 1.40 -11.01 -15.68
CA GLY A 74 2.50 -11.73 -15.02
C GLY A 74 2.83 -11.15 -13.66
N ALA A 75 2.60 -9.82 -13.47
CA ALA A 75 2.88 -9.16 -12.17
C ALA A 75 1.62 -9.11 -11.35
N THR A 76 0.48 -8.73 -11.96
CA THR A 76 -0.80 -8.64 -11.24
C THR A 76 -1.29 -10.02 -10.74
N GLY A 77 -0.96 -11.08 -11.47
CA GLY A 77 -1.29 -12.46 -11.08
C GLY A 77 -0.52 -12.91 -9.85
N LEU A 78 0.52 -12.18 -9.48
CA LEU A 78 1.32 -12.45 -8.28
C LEU A 78 0.78 -11.66 -7.09
N ILE A 79 -0.24 -10.82 -7.32
CA ILE A 79 -0.82 -9.93 -6.33
C ILE A 79 -2.26 -10.31 -6.02
N GLY A 80 -3.09 -10.48 -7.07
CA GLY A 80 -4.48 -10.91 -6.97
C GLY A 80 -5.50 -9.78 -6.97
N ASP A 81 -6.40 -9.79 -7.97
CA ASP A 81 -7.42 -8.76 -8.11
C ASP A 81 -8.57 -9.01 -7.13
N PRO A 82 -8.83 -8.10 -6.15
CA PRO A 82 -9.93 -8.35 -5.21
C PRO A 82 -11.32 -7.96 -5.73
N SER A 83 -11.38 -7.23 -6.89
CA SER A 83 -12.58 -6.62 -7.46
C SER A 83 -13.80 -7.52 -7.42
N PHE A 84 -14.77 -7.14 -6.57
CA PHE A 84 -16.06 -7.84 -6.33
C PHE A 84 -15.88 -9.31 -5.92
N LYS A 85 -14.70 -9.64 -5.37
CA LYS A 85 -14.43 -10.98 -4.86
C LYS A 85 -14.71 -10.96 -3.36
N ALA A 86 -15.53 -11.91 -2.88
CA ALA A 86 -15.96 -11.99 -1.47
C ALA A 86 -14.82 -12.36 -0.54
N ALA A 87 -13.84 -13.14 -1.04
CA ALA A 87 -12.76 -13.61 -0.20
C ALA A 87 -11.36 -13.34 -0.73
N GLU A 88 -10.42 -13.17 0.23
CA GLU A 88 -8.99 -13.05 0.00
C GLU A 88 -8.50 -14.35 -0.67
N ARG A 89 -7.65 -14.21 -1.69
CA ARG A 89 -7.11 -15.35 -2.42
C ARG A 89 -5.73 -15.70 -1.89
N LYS A 90 -5.39 -17.00 -1.90
CA LYS A 90 -4.05 -17.43 -1.48
C LYS A 90 -3.07 -17.01 -2.59
N LEU A 91 -1.83 -16.67 -2.23
CA LEU A 91 -0.86 -16.26 -3.25
C LEU A 91 -0.41 -17.48 -4.03
N ASN A 92 -0.21 -17.32 -5.35
CA ASN A 92 0.31 -18.41 -6.17
C ASN A 92 1.83 -18.22 -6.29
N THR A 93 2.58 -19.31 -6.53
CA THR A 93 4.05 -19.22 -6.65
C THR A 93 4.40 -18.57 -7.97
N GLU A 94 5.63 -18.05 -8.07
CA GLU A 94 6.16 -17.45 -9.29
C GLU A 94 6.22 -18.50 -10.42
N GLU A 95 6.62 -19.74 -10.11
CA GLU A 95 6.71 -20.81 -11.12
C GLU A 95 5.35 -21.15 -11.73
N THR A 96 4.31 -21.26 -10.88
CA THR A 96 2.94 -21.58 -11.32
C THR A 96 2.39 -20.43 -12.19
N VAL A 97 2.53 -19.17 -11.72
CA VAL A 97 2.03 -18.01 -12.47
C VAL A 97 2.68 -17.91 -13.85
N GLN A 98 4.01 -18.14 -13.95
CA GLN A 98 4.71 -18.12 -15.24
C GLN A 98 4.19 -19.20 -16.19
N GLU A 99 3.90 -20.40 -15.65
CA GLU A 99 3.35 -21.50 -16.45
C GLU A 99 1.99 -21.09 -17.01
N TRP A 100 1.16 -20.48 -16.17
CA TRP A 100 -0.17 -20.00 -16.56
C TRP A 100 -0.11 -18.84 -17.55
N VAL A 101 0.87 -17.91 -17.39
CA VAL A 101 1.10 -16.75 -18.27
C VAL A 101 1.29 -17.26 -19.68
N ASP A 102 2.20 -18.25 -19.85
CA ASP A 102 2.51 -18.84 -21.15
C ASP A 102 1.30 -19.50 -21.81
N LYS A 103 0.53 -20.28 -21.04
CA LYS A 103 -0.69 -20.96 -21.52
C LYS A 103 -1.78 -19.95 -21.94
N ILE A 104 -1.97 -18.87 -21.16
CA ILE A 104 -2.97 -17.85 -21.49
C ILE A 104 -2.55 -17.04 -22.70
N ARG A 105 -1.25 -16.63 -22.76
CA ARG A 105 -0.75 -15.87 -23.92
C ARG A 105 -1.03 -16.66 -25.21
N LYS A 106 -0.69 -17.97 -25.22
CA LYS A 106 -0.89 -18.86 -26.38
C LYS A 106 -2.36 -19.09 -26.72
N GLN A 107 -3.24 -19.05 -25.71
CA GLN A 107 -4.67 -19.27 -25.91
C GLN A 107 -5.34 -18.00 -26.50
N VAL A 108 -4.90 -16.82 -26.06
CA VAL A 108 -5.43 -15.52 -26.55
C VAL A 108 -5.02 -15.29 -28.02
N ALA A 109 -3.74 -15.54 -28.34
CA ALA A 109 -3.09 -15.25 -29.64
C ALA A 109 -3.94 -15.57 -30.90
N PRO A 110 -4.56 -16.78 -31.05
CA PRO A 110 -5.33 -17.05 -32.28
C PRO A 110 -6.61 -16.22 -32.46
N PHE A 111 -7.07 -15.55 -31.39
CA PHE A 111 -8.27 -14.68 -31.43
C PHE A 111 -8.01 -13.31 -32.06
N LEU A 112 -6.73 -12.92 -32.21
CA LEU A 112 -6.36 -11.62 -32.77
C LEU A 112 -5.38 -11.79 -33.93
N ASP A 113 -5.27 -10.76 -34.79
CA ASP A 113 -4.36 -10.76 -35.93
C ASP A 113 -3.06 -10.03 -35.56
N PHE A 114 -1.93 -10.77 -35.54
CA PHE A 114 -0.61 -10.22 -35.19
C PHE A 114 0.21 -9.81 -36.44
N ASP A 115 -0.37 -10.01 -37.62
CA ASP A 115 0.28 -9.69 -38.89
C ASP A 115 -0.68 -9.07 -39.93
N CYS A 116 -1.18 -7.85 -39.63
CA CYS A 116 -2.08 -7.11 -40.51
C CYS A 116 -1.68 -5.62 -40.66
N GLY A 117 -0.38 -5.37 -40.62
CA GLY A 117 0.19 -4.04 -40.77
C GLY A 117 0.22 -3.24 -39.49
N GLU A 118 -0.13 -1.94 -39.58
CA GLU A 118 -0.14 -0.94 -38.50
C GLU A 118 -0.94 -1.33 -37.27
N ASN A 119 -2.16 -1.87 -37.45
CA ASN A 119 -3.03 -2.26 -36.35
C ASN A 119 -2.85 -3.73 -35.89
N SER A 120 -1.67 -4.33 -36.16
CA SER A 120 -1.36 -5.71 -35.72
C SER A 120 -1.39 -5.75 -34.19
N ALA A 121 -1.93 -6.85 -33.62
CA ALA A 121 -2.02 -7.08 -32.19
C ALA A 121 -0.65 -7.15 -31.54
N ILE A 122 -0.60 -6.76 -30.27
CA ILE A 122 0.60 -6.78 -29.44
C ILE A 122 0.27 -7.55 -28.17
N ALA A 123 1.12 -8.52 -27.81
CA ALA A 123 1.02 -9.25 -26.55
C ALA A 123 1.86 -8.46 -25.52
N ALA A 124 1.28 -8.15 -24.36
CA ALA A 124 2.01 -7.41 -23.32
C ALA A 124 1.99 -8.19 -22.01
N ASN A 125 2.95 -7.89 -21.13
CA ASN A 125 3.03 -8.53 -19.84
C ASN A 125 3.52 -7.49 -18.85
N ASN A 126 2.71 -7.17 -17.81
CA ASN A 126 3.06 -6.13 -16.83
C ASN A 126 4.21 -6.54 -15.91
N TYR A 127 4.71 -7.80 -15.99
CA TYR A 127 5.90 -8.19 -15.25
C TYR A 127 7.12 -7.46 -15.82
N ASP A 128 7.05 -7.06 -17.11
CA ASP A 128 8.13 -6.35 -17.79
C ASP A 128 8.48 -5.02 -17.12
N TRP A 129 7.49 -4.37 -16.43
CA TRP A 129 7.75 -3.11 -15.74
C TRP A 129 7.67 -3.22 -14.23
N PHE A 130 6.90 -4.17 -13.70
CA PHE A 130 6.81 -4.31 -12.24
C PHE A 130 7.81 -5.29 -11.63
N GLY A 131 8.29 -6.24 -12.45
CA GLY A 131 9.21 -7.28 -12.01
C GLY A 131 10.52 -6.78 -11.45
N ASN A 132 10.94 -5.59 -11.88
CA ASN A 132 12.19 -5.00 -11.39
C ASN A 132 12.01 -3.60 -10.80
N MET A 133 10.78 -3.16 -10.57
CA MET A 133 10.55 -1.83 -10.02
C MET A 133 10.87 -1.79 -8.52
N ASN A 134 11.68 -0.81 -8.09
CA ASN A 134 12.00 -0.64 -6.68
C ASN A 134 10.75 -0.24 -5.90
N VAL A 135 10.62 -0.70 -4.63
CA VAL A 135 9.47 -0.37 -3.79
C VAL A 135 9.33 1.16 -3.50
N LEU A 136 10.42 1.89 -3.17
CA LEU A 136 10.35 3.34 -2.88
C LEU A 136 9.95 4.13 -4.15
N THR A 137 10.42 3.67 -5.32
CA THR A 137 10.03 4.26 -6.61
C THR A 137 8.50 4.10 -6.83
N PHE A 138 7.97 2.90 -6.61
CA PHE A 138 6.54 2.64 -6.73
C PHE A 138 5.74 3.49 -5.74
N LEU A 139 6.15 3.49 -4.45
CA LEU A 139 5.38 4.27 -3.45
C LEU A 139 5.39 5.77 -3.70
N ARG A 140 6.53 6.32 -4.07
CA ARG A 140 6.64 7.77 -4.31
C ARG A 140 6.05 8.18 -5.67
N ASP A 141 6.51 7.54 -6.77
CA ASP A 141 6.11 7.95 -8.13
C ASP A 141 4.68 7.58 -8.50
N ILE A 142 4.15 6.47 -7.94
CA ILE A 142 2.80 6.02 -8.24
C ILE A 142 1.85 6.28 -7.07
N GLY A 143 2.22 5.77 -5.88
CA GLY A 143 1.38 5.82 -4.70
C GLY A 143 0.94 7.18 -4.21
N LYS A 144 1.75 8.22 -4.42
CA LYS A 144 1.42 9.59 -3.96
C LYS A 144 0.17 10.14 -4.68
N HIS A 145 -0.15 9.58 -5.85
CA HIS A 145 -1.29 10.01 -6.67
C HIS A 145 -2.59 9.31 -6.29
N PHE A 146 -2.52 8.37 -5.31
CA PHE A 146 -3.68 7.61 -4.89
C PHE A 146 -4.14 8.02 -3.50
N SER A 147 -5.43 8.33 -3.37
CA SER A 147 -6.05 8.68 -2.10
C SER A 147 -6.65 7.41 -1.51
N VAL A 148 -6.27 7.07 -0.26
CA VAL A 148 -6.80 5.89 0.45
C VAL A 148 -8.31 6.07 0.69
N ASN A 149 -8.73 7.31 0.97
CA ASN A 149 -10.13 7.70 1.18
C ASN A 149 -10.95 7.31 -0.07
N GLN A 150 -10.45 7.64 -1.27
CA GLN A 150 -11.09 7.29 -2.55
C GLN A 150 -10.95 5.80 -2.81
N MET A 151 -9.80 5.19 -2.45
CA MET A 151 -9.62 3.74 -2.64
C MET A 151 -10.61 2.87 -1.85
N ILE A 152 -10.90 3.25 -0.59
CA ILE A 152 -11.81 2.49 0.27
C ILE A 152 -13.28 2.65 -0.14
N ASN A 153 -13.58 3.70 -0.94
CA ASN A 153 -14.92 3.98 -1.47
C ASN A 153 -15.18 3.36 -2.86
N LYS A 154 -14.19 2.64 -3.43
CA LYS A 154 -14.37 1.95 -4.71
C LYS A 154 -15.33 0.81 -4.46
N GLU A 155 -16.44 0.76 -5.22
CA GLU A 155 -17.48 -0.26 -5.09
C GLU A 155 -16.92 -1.69 -5.06
N ALA A 156 -15.84 -1.95 -5.83
CA ALA A 156 -15.21 -3.27 -5.97
C ALA A 156 -14.53 -3.82 -4.70
N VAL A 157 -14.16 -2.94 -3.73
CA VAL A 157 -13.50 -3.39 -2.49
C VAL A 157 -14.28 -3.03 -1.21
N LYS A 158 -15.43 -2.34 -1.36
CA LYS A 158 -16.28 -1.88 -0.25
C LYS A 158 -16.81 -3.01 0.64
N GLN A 159 -17.35 -4.10 0.05
CA GLN A 159 -17.88 -5.25 0.80
C GLN A 159 -16.81 -6.02 1.61
N ARG A 160 -15.51 -5.71 1.36
CA ARG A 160 -14.35 -6.29 2.01
C ARG A 160 -13.83 -5.40 3.17
N LEU A 161 -14.37 -4.19 3.31
CA LEU A 161 -13.95 -3.22 4.32
C LEU A 161 -14.97 -3.02 5.46
N ASN A 162 -15.87 -4.00 5.66
CA ASN A 162 -16.88 -3.96 6.73
C ASN A 162 -16.41 -4.69 8.00
N ARG A 163 -15.88 -5.91 7.84
CA ARG A 163 -15.37 -6.76 8.94
C ARG A 163 -14.09 -7.46 8.50
N GLU A 164 -13.08 -7.51 9.39
CA GLU A 164 -11.76 -8.10 9.11
C GLU A 164 -11.80 -9.59 8.74
N ASP A 165 -12.75 -10.36 9.32
CA ASP A 165 -12.97 -11.79 9.08
C ASP A 165 -13.33 -12.09 7.60
N GLN A 166 -13.84 -11.08 6.88
CA GLN A 166 -14.15 -11.08 5.46
C GLN A 166 -13.46 -9.82 4.90
N GLY A 167 -12.15 -9.71 5.23
CA GLY A 167 -11.32 -8.55 4.94
C GLY A 167 -10.40 -8.60 3.73
N ILE A 168 -9.49 -7.63 3.66
CA ILE A 168 -8.57 -7.53 2.52
C ILE A 168 -7.15 -7.21 2.97
N SER A 169 -6.15 -7.94 2.44
CA SER A 169 -4.74 -7.69 2.74
C SER A 169 -4.26 -6.41 2.07
N PHE A 170 -3.14 -5.86 2.56
CA PHE A 170 -2.53 -4.71 1.89
C PHE A 170 -2.13 -5.13 0.46
N THR A 171 -1.71 -6.43 0.27
CA THR A 171 -1.35 -6.95 -1.06
C THR A 171 -2.46 -6.73 -2.07
N GLU A 172 -3.66 -7.27 -1.78
CA GLU A 172 -4.80 -7.14 -2.72
C GLU A 172 -5.31 -5.72 -2.80
N PHE A 173 -5.19 -4.95 -1.71
CA PHE A 173 -5.62 -3.55 -1.75
C PHE A 173 -4.71 -2.71 -2.63
N SER A 174 -3.45 -3.11 -2.80
CA SER A 174 -2.52 -2.34 -3.66
C SER A 174 -2.77 -2.64 -5.15
N TYR A 175 -3.56 -3.69 -5.44
CA TYR A 175 -3.80 -4.12 -6.85
C TYR A 175 -4.22 -3.00 -7.80
N ASN A 176 -5.16 -2.16 -7.32
CA ASN A 176 -5.69 -1.02 -8.05
C ASN A 176 -4.59 -0.11 -8.60
N LEU A 177 -3.48 0.08 -7.84
CA LEU A 177 -2.33 0.89 -8.31
C LEU A 177 -1.58 0.24 -9.48
N LEU A 178 -1.42 -1.08 -9.46
CA LEU A 178 -0.71 -1.78 -10.53
C LEU A 178 -1.45 -1.68 -11.86
N GLN A 179 -2.75 -1.97 -11.87
CA GLN A 179 -3.56 -1.89 -13.09
C GLN A 179 -3.67 -0.44 -13.53
N GLY A 180 -3.76 0.49 -12.56
CA GLY A 180 -3.77 1.93 -12.83
C GLY A 180 -2.50 2.34 -13.56
N TYR A 181 -1.34 1.90 -13.06
CA TYR A 181 -0.05 2.22 -13.71
C TYR A 181 0.11 1.52 -15.07
N ASP A 182 -0.43 0.28 -15.21
CA ASP A 182 -0.37 -0.42 -16.51
C ASP A 182 -0.94 0.46 -17.63
N PHE A 183 -2.09 1.12 -17.38
CA PHE A 183 -2.72 1.97 -18.39
C PHE A 183 -1.76 3.14 -18.78
N ALA A 184 -1.17 3.78 -17.79
CA ALA A 184 -0.21 4.90 -18.05
C ALA A 184 1.02 4.42 -18.84
N CYS A 185 1.52 3.22 -18.50
CA CYS A 185 2.68 2.59 -19.11
C CYS A 185 2.39 2.21 -20.56
N LEU A 186 1.21 1.59 -20.84
CA LEU A 186 0.81 1.28 -22.22
C LEU A 186 0.52 2.53 -23.04
N ASN A 187 -0.03 3.58 -22.39
CA ASN A 187 -0.25 4.87 -23.07
C ASN A 187 1.11 5.44 -23.54
N LYS A 188 2.15 5.42 -22.66
CA LYS A 188 3.45 5.95 -23.07
C LYS A 188 4.20 5.04 -24.08
N GLN A 189 4.20 3.71 -23.85
CA GLN A 189 4.90 2.76 -24.73
C GLN A 189 4.29 2.67 -26.13
N TYR A 190 2.95 2.49 -26.20
CA TYR A 190 2.27 2.25 -27.47
C TYR A 190 1.24 3.26 -27.90
N GLY A 191 1.00 4.29 -27.10
CA GLY A 191 -0.03 5.27 -27.46
C GLY A 191 -1.44 4.74 -27.21
N VAL A 192 -1.59 3.74 -26.32
CA VAL A 192 -2.88 3.15 -25.92
C VAL A 192 -3.73 4.28 -25.27
N VAL A 193 -4.95 4.49 -25.78
CA VAL A 193 -5.83 5.54 -25.27
C VAL A 193 -7.17 4.98 -24.77
N LEU A 194 -7.34 3.66 -24.86
CA LEU A 194 -8.57 3.03 -24.39
C LEU A 194 -8.26 1.72 -23.71
N GLN A 195 -8.93 1.49 -22.58
CA GLN A 195 -8.91 0.23 -21.88
C GLN A 195 -10.33 -0.30 -21.81
N ILE A 196 -10.50 -1.57 -22.14
CA ILE A 196 -11.78 -2.25 -22.04
C ILE A 196 -11.64 -3.40 -21.03
N GLY A 197 -12.77 -3.90 -20.56
CA GLY A 197 -12.86 -5.02 -19.62
C GLY A 197 -14.31 -5.20 -19.24
N GLY A 198 -14.60 -6.18 -18.39
CA GLY A 198 -15.95 -6.38 -17.89
C GLY A 198 -16.28 -5.32 -16.83
N SER A 199 -17.57 -5.18 -16.46
CA SER A 199 -18.02 -4.14 -15.51
C SER A 199 -17.34 -4.15 -14.13
N ASP A 200 -16.84 -5.29 -13.66
CA ASP A 200 -16.12 -5.39 -12.37
C ASP A 200 -14.80 -4.62 -12.41
N GLN A 201 -14.30 -4.34 -13.63
CA GLN A 201 -13.03 -3.65 -13.82
C GLN A 201 -13.13 -2.15 -13.86
N TRP A 202 -14.36 -1.60 -13.76
CA TRP A 202 -14.60 -0.15 -13.87
C TRP A 202 -13.65 0.69 -13.00
N GLY A 203 -13.57 0.37 -11.70
CA GLY A 203 -12.73 1.09 -10.76
C GLY A 203 -11.24 0.96 -11.04
N ASN A 204 -10.77 -0.22 -11.50
CA ASN A 204 -9.35 -0.39 -11.86
C ASN A 204 -9.02 0.44 -13.15
N ILE A 205 -9.99 0.55 -14.07
CA ILE A 205 -9.87 1.32 -15.33
C ILE A 205 -9.84 2.83 -15.04
N THR A 206 -10.81 3.35 -14.27
CA THR A 206 -10.87 4.79 -13.94
C THR A 206 -9.63 5.25 -13.16
N SER A 207 -9.00 4.35 -12.39
CA SER A 207 -7.76 4.69 -11.69
C SER A 207 -6.62 4.92 -12.69
N GLY A 208 -6.57 4.09 -13.75
CA GLY A 208 -5.59 4.25 -14.81
C GLY A 208 -5.81 5.53 -15.64
N ILE A 209 -7.07 5.85 -15.90
CA ILE A 209 -7.43 7.11 -16.59
C ILE A 209 -6.90 8.28 -15.78
N ASP A 210 -7.23 8.34 -14.48
CA ASP A 210 -6.77 9.42 -13.61
C ASP A 210 -5.25 9.50 -13.54
N LEU A 211 -4.58 8.34 -13.33
CA LEU A 211 -3.12 8.26 -13.20
C LEU A 211 -2.41 8.70 -14.48
N THR A 212 -2.99 8.38 -15.66
CA THR A 212 -2.42 8.80 -16.95
C THR A 212 -2.47 10.33 -17.07
N ARG A 213 -3.57 10.97 -16.60
CA ARG A 213 -3.64 12.45 -16.59
C ARG A 213 -2.52 13.03 -15.68
N ARG A 214 -2.32 12.42 -14.50
CA ARG A 214 -1.34 12.90 -13.52
C ARG A 214 0.10 12.65 -13.91
N LEU A 215 0.39 11.50 -14.52
CA LEU A 215 1.76 11.16 -14.94
C LEU A 215 2.17 11.71 -16.30
N HIS A 216 1.33 11.54 -17.32
CA HIS A 216 1.69 11.91 -18.70
C HIS A 216 0.91 13.05 -19.32
N GLN A 217 -0.01 13.65 -18.57
CA GLN A 217 -0.84 14.77 -19.03
C GLN A 217 -1.58 14.42 -20.35
N ASN A 218 -2.05 13.15 -20.44
CA ASN A 218 -2.75 12.61 -21.60
C ASN A 218 -4.13 12.16 -21.23
N GLN A 219 -5.03 12.31 -22.16
CA GLN A 219 -6.41 11.92 -21.99
C GLN A 219 -6.59 10.53 -22.55
N VAL A 220 -7.07 9.63 -21.71
CA VAL A 220 -7.34 8.23 -22.09
C VAL A 220 -8.77 7.89 -21.65
N PHE A 221 -9.35 6.80 -22.20
CA PHE A 221 -10.76 6.47 -21.99
C PHE A 221 -10.94 5.05 -21.48
N GLY A 222 -12.15 4.76 -21.02
CA GLY A 222 -12.52 3.47 -20.48
C GLY A 222 -13.86 3.05 -21.02
N LEU A 223 -14.01 1.75 -21.27
CA LEU A 223 -15.28 1.19 -21.75
C LEU A 223 -15.41 -0.19 -21.14
N THR A 224 -16.53 -0.47 -20.46
CA THR A 224 -16.73 -1.79 -19.89
C THR A 224 -17.85 -2.51 -20.62
N VAL A 225 -17.75 -3.83 -20.62
CA VAL A 225 -18.74 -4.72 -21.18
C VAL A 225 -19.56 -5.24 -19.99
N PRO A 226 -20.88 -5.51 -20.14
CA PRO A 226 -21.62 -6.07 -19.01
C PRO A 226 -21.12 -7.47 -18.70
N LEU A 227 -21.16 -7.86 -17.42
CA LEU A 227 -20.82 -9.24 -17.07
C LEU A 227 -21.98 -10.11 -17.56
N ILE A 228 -21.68 -11.03 -18.48
CA ILE A 228 -22.70 -11.88 -19.06
C ILE A 228 -23.24 -12.83 -18.01
N THR A 229 -24.59 -12.90 -17.93
CA THR A 229 -25.32 -13.73 -16.98
C THR A 229 -26.49 -14.39 -17.68
N LYS A 230 -27.06 -15.41 -17.02
CA LYS A 230 -28.27 -16.10 -17.45
C LYS A 230 -29.45 -15.30 -16.89
N ALA A 231 -30.56 -15.20 -17.66
CA ALA A 231 -31.78 -14.46 -17.31
C ALA A 231 -32.46 -14.94 -16.02
N ASP A 232 -32.38 -16.25 -15.71
CA ASP A 232 -33.00 -16.86 -14.53
C ASP A 232 -32.23 -16.56 -13.21
N GLY A 233 -31.30 -15.62 -13.27
CA GLY A 233 -30.49 -15.19 -12.13
C GLY A 233 -29.41 -16.14 -11.67
N THR A 234 -29.23 -17.30 -12.34
CA THR A 234 -28.19 -18.27 -11.95
C THR A 234 -26.82 -17.84 -12.48
N LYS A 235 -25.75 -18.43 -11.90
CA LYS A 235 -24.36 -18.16 -12.25
C LYS A 235 -24.05 -18.67 -13.66
N PHE A 236 -23.45 -17.80 -14.49
CA PHE A 236 -23.07 -18.10 -15.87
C PHE A 236 -21.91 -19.11 -15.89
N GLY A 237 -22.01 -20.10 -16.80
CA GLY A 237 -21.02 -21.16 -16.95
C GLY A 237 -21.29 -22.33 -16.03
N LYS A 238 -22.38 -23.07 -16.30
CA LYS A 238 -22.80 -24.25 -15.52
C LYS A 238 -22.41 -25.55 -16.22
N ALA A 243 -17.40 -24.15 -14.35
CA ALA A 243 -17.08 -23.16 -15.39
C ALA A 243 -16.91 -23.85 -16.75
N VAL A 244 -17.06 -23.07 -17.83
CA VAL A 244 -16.91 -23.58 -19.20
C VAL A 244 -15.58 -23.02 -19.71
N TRP A 245 -14.56 -23.88 -19.74
CA TRP A 245 -13.20 -23.46 -20.11
C TRP A 245 -13.00 -23.45 -21.61
N LEU A 246 -11.99 -22.69 -22.07
CA LEU A 246 -11.61 -22.65 -23.48
C LEU A 246 -10.71 -23.83 -23.85
N ASP A 247 -9.91 -24.33 -22.88
CA ASP A 247 -8.98 -25.44 -23.07
C ASP A 247 -9.76 -26.75 -23.33
N PRO A 248 -9.55 -27.46 -24.48
CA PRO A 248 -10.30 -28.70 -24.73
C PRO A 248 -10.02 -29.83 -23.73
N LYS A 249 -8.88 -29.76 -23.01
CA LYS A 249 -8.57 -30.78 -22.00
C LYS A 249 -9.30 -30.49 -20.65
N LYS A 250 -9.99 -29.34 -20.53
CA LYS A 250 -10.76 -28.95 -19.33
C LYS A 250 -12.26 -29.03 -19.63
N THR A 251 -12.65 -28.62 -20.85
CA THR A 251 -14.03 -28.67 -21.34
C THR A 251 -13.91 -29.16 -22.77
N SER A 252 -14.31 -30.40 -23.03
CA SER A 252 -14.18 -30.92 -24.38
C SER A 252 -15.03 -30.12 -25.39
N PRO A 253 -14.61 -30.09 -26.68
CA PRO A 253 -15.44 -29.44 -27.71
C PRO A 253 -16.89 -29.93 -27.71
N TYR A 254 -17.14 -31.24 -27.41
CA TYR A 254 -18.50 -31.79 -27.36
C TYR A 254 -19.31 -31.14 -26.23
N LYS A 255 -18.74 -31.10 -25.01
CA LYS A 255 -19.40 -30.52 -23.84
C LYS A 255 -19.66 -29.02 -24.09
N PHE A 256 -18.67 -28.34 -24.71
CA PHE A 256 -18.72 -26.91 -25.06
C PHE A 256 -19.92 -26.63 -25.99
N TYR A 257 -20.00 -27.41 -27.06
CA TYR A 257 -21.05 -27.37 -28.08
C TYR A 257 -22.45 -27.59 -27.42
N GLN A 258 -22.60 -28.66 -26.60
CA GLN A 258 -23.81 -29.00 -25.87
C GLN A 258 -24.27 -27.89 -24.91
N PHE A 259 -23.33 -27.24 -24.24
CA PHE A 259 -23.63 -26.09 -23.37
C PHE A 259 -24.39 -25.02 -24.16
N TRP A 260 -23.94 -24.74 -25.39
CA TRP A 260 -24.58 -23.78 -26.27
C TRP A 260 -25.92 -24.26 -26.79
N ILE A 261 -26.05 -25.56 -27.17
CA ILE A 261 -27.30 -26.16 -27.65
C ILE A 261 -28.42 -25.98 -26.62
N ASN A 262 -28.07 -26.11 -25.33
CA ASN A 262 -29.01 -26.07 -24.23
C ASN A 262 -29.25 -24.67 -23.63
N THR A 263 -28.86 -23.59 -24.36
CA THR A 263 -29.06 -22.20 -23.89
C THR A 263 -30.57 -21.97 -23.76
N ALA A 264 -31.00 -21.26 -22.69
CA ALA A 264 -32.42 -20.95 -22.50
C ALA A 264 -32.83 -19.92 -23.56
N ASP A 265 -34.10 -19.94 -23.99
CA ASP A 265 -34.64 -19.01 -25.00
C ASP A 265 -34.43 -17.56 -24.62
N ALA A 266 -34.55 -17.24 -23.32
CA ALA A 266 -34.36 -15.89 -22.79
C ALA A 266 -32.91 -15.41 -22.93
N ASP A 267 -31.94 -16.34 -23.07
CA ASP A 267 -30.50 -15.99 -23.19
C ASP A 267 -29.89 -16.06 -24.59
N VAL A 268 -30.46 -16.90 -25.49
CA VAL A 268 -29.90 -17.25 -26.79
C VAL A 268 -29.55 -16.04 -27.70
N TYR A 269 -30.43 -15.02 -27.84
CA TYR A 269 -30.15 -13.87 -28.69
C TYR A 269 -29.08 -12.95 -28.10
N ARG A 270 -29.10 -12.79 -26.76
CA ARG A 270 -28.07 -12.02 -26.05
C ARG A 270 -26.70 -12.69 -26.21
N PHE A 271 -26.65 -14.03 -26.08
CA PHE A 271 -25.41 -14.82 -26.22
C PHE A 271 -24.87 -14.74 -27.66
N LEU A 272 -25.74 -14.75 -28.65
CA LEU A 272 -25.32 -14.58 -30.05
C LEU A 272 -24.62 -13.19 -30.23
N LYS A 273 -25.13 -12.16 -29.57
CA LYS A 273 -24.56 -10.81 -29.65
C LYS A 273 -23.18 -10.75 -28.98
N PHE A 274 -23.07 -11.42 -27.82
CA PHE A 274 -21.85 -11.40 -27.02
C PHE A 274 -20.75 -12.30 -27.53
N PHE A 275 -21.12 -13.47 -28.08
CA PHE A 275 -20.11 -14.50 -28.39
C PHE A 275 -19.87 -14.81 -29.85
N THR A 276 -20.52 -14.11 -30.75
CA THR A 276 -20.33 -14.35 -32.19
C THR A 276 -20.05 -13.04 -32.92
N PHE A 277 -19.64 -13.13 -34.19
CA PHE A 277 -19.42 -11.97 -35.05
C PHE A 277 -20.55 -11.84 -36.09
N MET A 278 -21.71 -12.48 -35.83
CA MET A 278 -22.88 -12.35 -36.69
C MET A 278 -23.38 -10.90 -36.58
N SER A 279 -23.93 -10.35 -37.69
CA SER A 279 -24.42 -8.97 -37.68
C SER A 279 -25.65 -8.89 -36.81
N ILE A 280 -25.91 -7.69 -36.25
CA ILE A 280 -27.11 -7.44 -35.45
C ILE A 280 -28.40 -7.65 -36.29
N GLU A 281 -28.31 -7.42 -37.61
CA GLU A 281 -29.42 -7.58 -38.55
C GLU A 281 -29.81 -9.05 -38.63
N GLU A 282 -28.82 -9.95 -38.75
CA GLU A 282 -29.12 -11.38 -38.81
C GLU A 282 -29.67 -11.93 -37.50
N ILE A 283 -29.12 -11.50 -36.36
CA ILE A 283 -29.58 -11.96 -35.04
C ILE A 283 -31.06 -11.58 -34.82
N ASN A 284 -31.42 -10.30 -35.14
CA ASN A 284 -32.79 -9.79 -35.05
C ASN A 284 -33.73 -10.55 -35.99
N ALA A 285 -33.27 -10.81 -37.25
CA ALA A 285 -34.05 -11.59 -38.21
C ALA A 285 -34.22 -13.02 -37.70
N LEU A 286 -33.19 -13.57 -37.02
CA LEU A 286 -33.24 -14.91 -36.44
C LEU A 286 -34.25 -14.92 -35.27
N GLU A 287 -34.31 -13.83 -34.48
CA GLU A 287 -35.26 -13.71 -33.37
C GLU A 287 -36.72 -13.62 -33.87
N GLU A 288 -36.99 -12.77 -34.87
CA GLU A 288 -38.33 -12.59 -35.46
C GLU A 288 -38.89 -13.90 -36.04
N GLU A 289 -38.07 -14.65 -36.81
CA GLU A 289 -38.44 -15.94 -37.41
C GLU A 289 -38.91 -16.95 -36.35
N ASP A 290 -38.22 -17.02 -35.20
CA ASP A 290 -38.56 -17.91 -34.10
C ASP A 290 -39.79 -17.45 -33.29
N LYS A 291 -40.15 -16.15 -33.37
CA LYS A 291 -41.31 -15.59 -32.67
C LYS A 291 -42.64 -15.89 -33.38
N ASN A 292 -42.57 -16.36 -34.65
CA ASN A 292 -43.74 -16.69 -35.49
C ASN A 292 -43.56 -18.04 -36.16
N ARG A 298 -33.93 -23.15 -33.51
CA ARG A 298 -32.86 -22.86 -34.45
C ARG A 298 -31.70 -21.98 -33.92
N ALA A 299 -32.00 -20.93 -33.13
CA ALA A 299 -30.98 -20.00 -32.62
C ALA A 299 -29.90 -20.70 -31.80
N GLN A 300 -30.30 -21.68 -30.96
CA GLN A 300 -29.36 -22.45 -30.12
C GLN A 300 -28.37 -23.24 -30.97
N TYR A 301 -28.85 -23.76 -32.11
CA TYR A 301 -28.03 -24.50 -33.09
C TYR A 301 -27.03 -23.59 -33.78
N VAL A 302 -27.46 -22.37 -34.16
CA VAL A 302 -26.61 -21.36 -34.80
C VAL A 302 -25.53 -20.90 -33.80
N LEU A 303 -25.94 -20.63 -32.55
CA LEU A 303 -25.04 -20.21 -31.47
C LEU A 303 -23.96 -21.27 -31.25
N ALA A 304 -24.39 -22.55 -31.06
CA ALA A 304 -23.48 -23.68 -30.86
C ALA A 304 -22.47 -23.80 -32.00
N GLU A 305 -22.93 -23.73 -33.25
CA GLU A 305 -22.06 -23.85 -34.42
C GLU A 305 -20.99 -22.73 -34.45
N GLN A 306 -21.41 -21.46 -34.30
CA GLN A 306 -20.56 -20.29 -34.34
C GLN A 306 -19.47 -20.30 -33.26
N VAL A 307 -19.87 -20.40 -31.98
CA VAL A 307 -18.92 -20.35 -30.86
C VAL A 307 -17.99 -21.56 -30.86
N THR A 308 -18.52 -22.78 -31.14
CA THR A 308 -17.66 -23.96 -31.19
C THR A 308 -16.60 -23.84 -32.29
N ARG A 309 -16.99 -23.40 -33.50
CA ARG A 309 -16.04 -23.22 -34.61
C ARG A 309 -15.00 -22.14 -34.23
N LEU A 310 -15.45 -21.07 -33.59
CA LEU A 310 -14.60 -19.97 -33.13
C LEU A 310 -13.53 -20.42 -32.16
N VAL A 311 -13.92 -21.19 -31.13
CA VAL A 311 -12.98 -21.60 -30.08
C VAL A 311 -12.18 -22.86 -30.49
N HIS A 312 -12.87 -23.90 -30.94
CA HIS A 312 -12.26 -25.20 -31.23
C HIS A 312 -12.01 -25.52 -32.72
N GLY A 313 -12.26 -24.57 -33.60
CA GLY A 313 -12.04 -24.74 -35.03
C GLY A 313 -13.05 -25.63 -35.72
N GLU A 314 -12.90 -25.74 -37.06
CA GLU A 314 -13.76 -26.60 -37.88
C GLU A 314 -13.71 -28.05 -37.43
N GLU A 315 -12.50 -28.55 -37.09
CA GLU A 315 -12.29 -29.93 -36.64
C GLU A 315 -13.03 -30.19 -35.29
N GLY A 316 -12.98 -29.21 -34.38
CA GLY A 316 -13.62 -29.23 -33.07
C GLY A 316 -15.13 -29.27 -33.21
N LEU A 317 -15.69 -28.36 -34.05
CA LEU A 317 -17.12 -28.32 -34.35
C LEU A 317 -17.60 -29.65 -34.93
N GLN A 318 -16.82 -30.20 -35.90
CA GLN A 318 -17.22 -31.45 -36.53
C GLN A 318 -17.21 -32.63 -35.56
N ALA A 319 -16.22 -32.68 -34.63
CA ALA A 319 -16.15 -33.74 -33.63
C ALA A 319 -17.37 -33.67 -32.69
N ALA A 320 -17.73 -32.46 -32.24
CA ALA A 320 -18.86 -32.17 -31.37
C ALA A 320 -20.19 -32.58 -32.03
N LYS A 321 -20.35 -32.28 -33.34
CA LYS A 321 -21.54 -32.67 -34.11
C LYS A 321 -21.65 -34.15 -34.32
N ARG A 322 -20.52 -34.80 -34.67
CA ARG A 322 -20.40 -36.26 -34.90
C ARG A 322 -20.72 -37.05 -33.61
N ILE A 323 -20.21 -36.59 -32.45
CA ILE A 323 -20.45 -37.22 -31.14
C ILE A 323 -21.94 -37.07 -30.80
N THR A 324 -22.48 -35.86 -30.94
CA THR A 324 -23.90 -35.56 -30.71
C THR A 324 -24.79 -36.52 -31.52
N GLU A 325 -24.53 -36.62 -32.84
CA GLU A 325 -25.29 -37.45 -33.76
C GLU A 325 -25.19 -38.95 -33.38
N CYS A 326 -23.97 -39.43 -33.07
CA CYS A 326 -23.78 -40.83 -32.67
C CYS A 326 -24.51 -41.18 -31.39
N LEU A 327 -24.55 -40.26 -30.42
CA LEU A 327 -25.31 -40.47 -29.17
C LEU A 327 -26.83 -40.46 -29.44
N PHE A 328 -27.31 -39.56 -30.32
CA PHE A 328 -28.73 -39.48 -30.66
C PHE A 328 -29.22 -40.76 -31.39
N SER A 329 -28.41 -41.25 -32.36
CA SER A 329 -28.73 -42.40 -33.19
C SER A 329 -28.43 -43.74 -32.54
N GLY A 330 -27.41 -43.79 -31.67
CA GLY A 330 -26.96 -45.04 -31.07
C GLY A 330 -25.99 -45.77 -31.99
N SER A 331 -25.74 -45.23 -33.20
CA SER A 331 -24.79 -45.84 -34.14
C SER A 331 -23.44 -45.19 -33.85
N LEU A 332 -22.49 -45.99 -33.35
CA LEU A 332 -21.20 -45.50 -32.89
C LEU A 332 -20.03 -45.75 -33.83
N SER A 333 -20.28 -46.31 -35.03
CA SER A 333 -19.19 -46.63 -35.97
C SER A 333 -18.37 -45.41 -36.41
N ALA A 334 -19.00 -44.23 -36.53
CA ALA A 334 -18.28 -43.01 -36.92
C ALA A 334 -17.36 -42.45 -35.81
N LEU A 335 -17.51 -42.90 -34.54
CA LEU A 335 -16.67 -42.36 -33.45
C LEU A 335 -15.24 -42.80 -33.52
N SER A 336 -14.30 -41.86 -33.44
CA SER A 336 -12.88 -42.19 -33.42
C SER A 336 -12.45 -42.42 -31.95
N GLU A 337 -11.19 -42.82 -31.73
CA GLU A 337 -10.67 -43.01 -30.38
C GLU A 337 -10.66 -41.66 -29.63
N ALA A 338 -10.32 -40.57 -30.32
CA ALA A 338 -10.32 -39.22 -29.76
C ALA A 338 -11.73 -38.80 -29.36
N ASP A 339 -12.76 -39.21 -30.14
CA ASP A 339 -14.16 -38.93 -29.80
C ASP A 339 -14.54 -39.58 -28.47
N PHE A 340 -14.17 -40.86 -28.28
CA PHE A 340 -14.41 -41.58 -27.03
C PHE A 340 -13.68 -40.94 -25.87
N GLU A 341 -12.48 -40.34 -26.11
CA GLU A 341 -11.72 -39.63 -25.08
C GLU A 341 -12.52 -38.42 -24.55
N GLN A 342 -13.25 -37.72 -25.45
CA GLN A 342 -14.11 -36.59 -25.08
C GLN A 342 -15.24 -37.06 -24.16
N LEU A 343 -15.92 -38.17 -24.55
CA LEU A 343 -17.01 -38.78 -23.75
C LEU A 343 -16.58 -39.16 -22.35
N ALA A 344 -15.40 -39.80 -22.22
CA ALA A 344 -14.86 -40.22 -20.92
C ALA A 344 -14.49 -39.00 -20.08
N GLN A 345 -13.95 -37.94 -20.71
CA GLN A 345 -13.52 -36.74 -20.01
C GLN A 345 -14.68 -36.06 -19.29
N ASP A 346 -15.77 -35.78 -20.03
CA ASP A 346 -16.89 -35.02 -19.48
C ASP A 346 -18.17 -35.12 -20.27
N GLY A 347 -18.17 -35.92 -21.33
CA GLY A 347 -19.30 -36.05 -22.25
C GLY A 347 -20.50 -36.79 -21.69
N VAL A 348 -20.23 -37.95 -21.08
CA VAL A 348 -21.27 -38.79 -20.49
C VAL A 348 -20.78 -39.32 -19.13
N PRO A 349 -21.70 -39.77 -18.22
CA PRO A 349 -21.21 -40.40 -16.98
C PRO A 349 -20.34 -41.61 -17.38
N MET A 350 -19.28 -41.84 -16.61
CA MET A 350 -18.29 -42.88 -16.89
C MET A 350 -17.95 -43.70 -15.62
N VAL A 351 -17.52 -44.97 -15.82
CA VAL A 351 -17.06 -45.87 -14.75
C VAL A 351 -15.89 -46.71 -15.28
N GLU A 352 -14.81 -46.82 -14.51
CA GLU A 352 -13.67 -47.66 -14.90
C GLU A 352 -13.94 -49.09 -14.44
N MET A 353 -13.71 -50.07 -15.31
CA MET A 353 -13.98 -51.48 -14.95
C MET A 353 -12.92 -52.46 -15.39
N GLU A 354 -12.76 -53.58 -14.64
CA GLU A 354 -11.83 -54.66 -14.99
C GLU A 354 -12.43 -55.52 -16.08
N LYS A 355 -11.62 -55.88 -17.09
CA LYS A 355 -12.12 -56.76 -18.19
C LYS A 355 -12.50 -58.10 -17.57
N GLY A 356 -13.63 -58.66 -18.01
CA GLY A 356 -14.14 -59.91 -17.47
C GLY A 356 -15.42 -59.71 -16.70
N ALA A 357 -15.72 -58.45 -16.32
CA ALA A 357 -16.97 -58.08 -15.65
C ALA A 357 -18.15 -58.37 -16.59
N ASP A 358 -19.24 -58.92 -16.03
CA ASP A 358 -20.45 -59.23 -16.81
C ASP A 358 -21.34 -58.00 -16.96
N LEU A 359 -22.37 -58.12 -17.82
CA LEU A 359 -23.30 -57.00 -18.07
C LEU A 359 -24.00 -56.53 -16.78
N MET A 360 -24.43 -57.49 -15.93
CA MET A 360 -25.08 -57.19 -14.64
C MET A 360 -24.18 -56.32 -13.79
N GLN A 361 -22.90 -56.70 -13.63
CA GLN A 361 -21.95 -55.92 -12.82
C GLN A 361 -21.70 -54.55 -13.40
N ALA A 362 -21.66 -54.43 -14.73
CA ALA A 362 -21.50 -53.13 -15.38
C ALA A 362 -22.69 -52.21 -15.06
N LEU A 363 -23.93 -52.74 -15.08
CA LEU A 363 -25.12 -51.93 -14.77
C LEU A 363 -25.19 -51.51 -13.31
N VAL A 364 -24.66 -52.34 -12.40
CA VAL A 364 -24.65 -52.01 -10.97
C VAL A 364 -23.57 -50.97 -10.68
N ASP A 365 -22.33 -51.23 -11.17
CA ASP A 365 -21.17 -50.34 -10.93
C ASP A 365 -21.33 -48.98 -11.57
N SER A 366 -22.03 -48.91 -12.70
CA SER A 366 -22.31 -47.66 -13.40
C SER A 366 -23.48 -46.89 -12.73
N GLU A 367 -24.12 -47.51 -11.72
CA GLU A 367 -25.29 -46.98 -11.00
C GLU A 367 -26.54 -46.85 -11.93
N LEU A 368 -26.54 -47.56 -13.09
CA LEU A 368 -27.71 -47.59 -13.98
C LEU A 368 -28.76 -48.51 -13.36
N GLN A 369 -28.33 -49.41 -12.47
CA GLN A 369 -29.17 -50.36 -11.77
C GLN A 369 -28.72 -50.46 -10.31
N PRO A 370 -29.64 -50.74 -9.36
CA PRO A 370 -29.23 -50.75 -7.94
C PRO A 370 -28.69 -52.09 -7.42
N SER A 371 -29.06 -53.21 -8.06
CA SER A 371 -28.68 -54.57 -7.65
C SER A 371 -28.60 -55.48 -8.84
N ARG A 372 -27.90 -56.63 -8.70
CA ARG A 372 -27.78 -57.61 -9.79
C ARG A 372 -29.15 -58.21 -10.14
N GLY A 373 -29.97 -58.46 -9.12
CA GLY A 373 -31.32 -59.01 -9.29
C GLY A 373 -32.21 -58.10 -10.12
N GLN A 374 -32.15 -56.80 -9.86
CA GLN A 374 -32.92 -55.80 -10.59
C GLN A 374 -32.38 -55.65 -12.00
N ALA A 375 -31.03 -55.61 -12.15
CA ALA A 375 -30.33 -55.51 -13.45
C ALA A 375 -30.71 -56.65 -14.39
N ARG A 376 -30.88 -57.87 -13.86
CA ARG A 376 -31.31 -59.06 -14.58
C ARG A 376 -32.67 -58.81 -15.23
N LYS A 377 -33.65 -58.29 -14.44
CA LYS A 377 -34.99 -58.00 -14.92
C LYS A 377 -34.96 -56.89 -15.96
N THR A 378 -34.15 -55.85 -15.72
CA THR A 378 -34.02 -54.72 -16.65
C THR A 378 -33.46 -55.18 -18.00
N ILE A 379 -32.42 -56.04 -17.98
CA ILE A 379 -31.81 -56.59 -19.21
C ILE A 379 -32.85 -57.42 -19.95
N ALA A 380 -33.57 -58.32 -19.24
CA ALA A 380 -34.58 -59.19 -19.84
C ALA A 380 -35.72 -58.39 -20.48
N SER A 381 -35.99 -57.16 -19.96
CA SER A 381 -37.03 -56.27 -20.47
C SER A 381 -36.63 -55.53 -21.78
N ASN A 382 -35.43 -55.83 -22.32
CA ASN A 382 -34.87 -55.22 -23.54
C ASN A 382 -34.62 -53.71 -23.38
N ALA A 383 -34.19 -53.28 -22.19
CA ALA A 383 -33.93 -51.85 -21.94
C ALA A 383 -32.47 -51.44 -22.17
N ILE A 384 -31.56 -52.41 -22.39
CA ILE A 384 -30.13 -52.12 -22.46
C ILE A 384 -29.51 -52.28 -23.85
N THR A 385 -28.67 -51.30 -24.22
CA THR A 385 -27.90 -51.36 -25.47
C THR A 385 -26.41 -51.32 -25.12
N ILE A 386 -25.59 -52.03 -25.89
CA ILE A 386 -24.14 -52.10 -25.76
C ILE A 386 -23.66 -51.57 -27.09
N ASN A 387 -23.02 -50.40 -27.08
CA ASN A 387 -22.59 -49.71 -28.31
C ASN A 387 -23.76 -49.61 -29.32
N GLY A 388 -24.93 -49.25 -28.80
CA GLY A 388 -26.14 -49.07 -29.59
C GLY A 388 -26.93 -50.30 -29.96
N GLU A 389 -26.37 -51.49 -29.73
CA GLU A 389 -27.06 -52.74 -30.05
C GLU A 389 -27.77 -53.31 -28.83
N LYS A 390 -29.03 -53.75 -28.99
CA LYS A 390 -29.82 -54.35 -27.92
C LYS A 390 -29.21 -55.65 -27.41
N GLN A 391 -29.18 -55.80 -26.06
CA GLN A 391 -28.69 -57.03 -25.41
C GLN A 391 -29.66 -57.41 -24.31
N SER A 392 -30.45 -58.48 -24.53
CA SER A 392 -31.46 -58.87 -23.57
C SER A 392 -31.16 -60.18 -22.81
N ASP A 393 -29.90 -60.68 -22.86
CA ASP A 393 -29.54 -61.88 -22.10
C ASP A 393 -28.98 -61.40 -20.74
N PRO A 394 -29.72 -61.59 -19.62
CA PRO A 394 -29.22 -61.09 -18.32
C PRO A 394 -27.86 -61.65 -17.91
N GLU A 395 -27.51 -62.86 -18.41
CA GLU A 395 -26.27 -63.56 -18.04
C GLU A 395 -25.09 -63.29 -18.99
N TYR A 396 -25.25 -62.32 -19.91
CA TYR A 396 -24.24 -61.97 -20.90
C TYR A 396 -22.93 -61.43 -20.35
N PHE A 397 -21.80 -61.82 -20.99
CA PHE A 397 -20.46 -61.24 -20.76
C PHE A 397 -20.12 -60.53 -22.08
N PHE A 398 -19.49 -59.35 -21.97
CA PHE A 398 -19.09 -58.58 -23.15
C PHE A 398 -18.11 -59.37 -24.03
N LYS A 399 -18.21 -59.20 -25.35
CA LYS A 399 -17.28 -59.83 -26.28
C LYS A 399 -16.10 -58.91 -26.38
N GLU A 400 -14.91 -59.44 -26.76
CA GLU A 400 -13.74 -58.56 -26.91
C GLU A 400 -13.95 -57.47 -27.96
N GLU A 401 -14.71 -57.76 -29.06
CA GLU A 401 -14.98 -56.79 -30.13
C GLU A 401 -15.85 -55.60 -29.63
N GLU A 402 -16.56 -55.80 -28.50
CA GLU A 402 -17.41 -54.77 -27.89
C GLU A 402 -16.61 -53.77 -27.06
N ARG A 403 -15.31 -54.05 -26.85
CA ARG A 403 -14.37 -53.15 -26.18
C ARG A 403 -13.75 -52.36 -27.32
N LEU A 404 -14.42 -51.29 -27.74
CA LEU A 404 -13.99 -50.47 -28.87
C LEU A 404 -12.66 -49.83 -28.58
N PHE A 405 -11.71 -50.01 -29.51
CA PHE A 405 -10.31 -49.57 -29.39
C PHE A 405 -9.72 -50.24 -28.13
N GLY A 406 -10.23 -51.45 -27.83
CA GLY A 406 -9.87 -52.28 -26.70
C GLY A 406 -10.10 -51.62 -25.36
N ARG A 407 -10.78 -50.44 -25.35
CA ARG A 407 -10.94 -49.58 -24.19
C ARG A 407 -12.34 -49.16 -23.81
N PHE A 408 -13.23 -48.98 -24.79
CA PHE A 408 -14.52 -48.39 -24.47
C PHE A 408 -15.73 -49.19 -24.83
N THR A 409 -16.74 -49.17 -23.95
CA THR A 409 -18.05 -49.76 -24.20
C THR A 409 -19.10 -48.81 -23.70
N LEU A 410 -19.96 -48.37 -24.61
CA LEU A 410 -20.99 -47.44 -24.22
C LEU A 410 -22.29 -48.17 -23.89
N LEU A 411 -22.73 -48.06 -22.61
CA LEU A 411 -24.01 -48.61 -22.18
C LEU A 411 -25.07 -47.53 -22.22
N ARG A 412 -26.31 -47.92 -22.57
CA ARG A 412 -27.49 -47.07 -22.51
C ARG A 412 -28.63 -47.86 -21.89
N ARG A 413 -29.33 -47.22 -20.92
CA ARG A 413 -30.51 -47.77 -20.27
C ARG A 413 -31.68 -46.94 -20.76
N GLY A 414 -32.67 -47.60 -21.34
CA GLY A 414 -33.84 -46.93 -21.91
C GLY A 414 -33.45 -46.10 -23.12
N LYS A 415 -34.18 -45.02 -23.37
CA LYS A 415 -33.96 -44.18 -24.54
C LYS A 415 -32.86 -43.11 -24.40
N LYS A 416 -32.41 -42.77 -23.17
CA LYS A 416 -31.43 -41.67 -23.02
C LYS A 416 -30.35 -41.81 -21.92
N ASN A 417 -30.47 -42.74 -20.95
CA ASN A 417 -29.47 -42.83 -19.86
C ASN A 417 -28.19 -43.57 -20.28
N TYR A 418 -27.13 -42.82 -20.60
CA TYR A 418 -25.84 -43.36 -21.03
C TYR A 418 -24.82 -43.48 -19.91
N CYS A 419 -23.89 -44.45 -20.06
CA CYS A 419 -22.70 -44.60 -19.22
C CYS A 419 -21.56 -45.27 -19.99
N LEU A 420 -20.39 -44.61 -20.01
CA LEU A 420 -19.22 -45.17 -20.69
C LEU A 420 -18.36 -46.04 -19.77
N ILE A 421 -18.15 -47.30 -20.18
CA ILE A 421 -17.24 -48.17 -19.45
C ILE A 421 -15.86 -47.94 -20.07
N CYS A 422 -14.87 -47.63 -19.22
CA CYS A 422 -13.48 -47.50 -19.64
C CYS A 422 -12.72 -48.73 -19.04
N TRP A 423 -12.36 -49.67 -19.92
CA TRP A 423 -11.70 -50.93 -19.53
C TRP A 423 -10.25 -50.76 -19.10
N LYS A 424 -9.92 -51.32 -17.93
CA LYS A 424 -8.57 -51.27 -17.35
C LYS A 424 -7.68 -52.30 -18.03
N ASN B 5 15.06 -3.66 38.52
CA ASN B 5 13.93 -3.71 37.61
C ASN B 5 13.92 -2.42 36.76
N LEU B 6 14.47 -2.49 35.55
CA LEU B 6 14.59 -1.31 34.68
C LEU B 6 13.23 -0.70 34.26
N ILE B 7 12.24 -1.55 33.93
CA ILE B 7 10.92 -1.06 33.55
C ILE B 7 10.28 -0.30 34.73
N LYS B 8 10.35 -0.88 35.93
CA LYS B 8 9.83 -0.22 37.12
C LYS B 8 10.54 1.14 37.35
N GLN B 9 11.88 1.19 37.25
CA GLN B 9 12.65 2.44 37.39
C GLN B 9 12.18 3.49 36.36
N LEU B 10 11.96 3.08 35.10
CA LEU B 10 11.48 4.01 34.07
C LEU B 10 10.04 4.46 34.35
N GLN B 11 9.21 3.55 34.89
CA GLN B 11 7.83 3.85 35.27
C GLN B 11 7.78 4.93 36.37
N GLU B 12 8.73 4.89 37.30
CA GLU B 12 8.83 5.88 38.41
C GLU B 12 9.24 7.28 37.95
N ARG B 13 9.97 7.36 36.82
CA ARG B 13 10.38 8.67 36.25
C ARG B 13 9.25 9.20 35.36
N GLY B 14 8.21 8.37 35.14
CA GLY B 14 7.09 8.68 34.26
C GLY B 14 7.45 8.47 32.81
N LEU B 15 8.45 7.62 32.53
CA LEU B 15 8.89 7.40 31.15
C LEU B 15 8.28 6.21 30.43
N VAL B 16 7.23 5.61 30.97
CA VAL B 16 6.63 4.44 30.29
C VAL B 16 5.18 4.72 30.03
N ALA B 17 4.79 4.78 28.73
CA ALA B 17 3.38 4.93 28.32
C ALA B 17 2.81 3.51 28.27
N GLN B 18 3.27 2.66 27.31
CA GLN B 18 2.79 1.27 27.15
C GLN B 18 3.94 0.28 26.97
N VAL B 19 3.71 -1.00 27.29
CA VAL B 19 4.72 -2.08 27.18
C VAL B 19 4.02 -3.33 26.73
N THR B 20 4.58 -4.06 25.73
CA THR B 20 3.93 -5.32 25.35
C THR B 20 4.51 -6.44 26.25
N ASP B 21 3.69 -7.45 26.61
CA ASP B 21 4.08 -8.63 27.41
C ASP B 21 5.14 -8.28 28.44
N GLU B 22 4.83 -7.26 29.27
CA GLU B 22 5.65 -6.63 30.29
C GLU B 22 6.43 -7.58 31.22
N GLU B 23 5.78 -8.66 31.70
CA GLU B 23 6.44 -9.60 32.60
C GLU B 23 7.55 -10.34 31.87
N ALA B 24 7.26 -10.80 30.63
CA ALA B 24 8.23 -11.49 29.80
C ALA B 24 9.39 -10.54 29.41
N LEU B 25 9.09 -9.25 29.16
CA LEU B 25 10.15 -8.29 28.82
C LEU B 25 11.02 -8.06 30.03
N ALA B 26 10.40 -7.86 31.23
CA ALA B 26 11.15 -7.66 32.47
C ALA B 26 12.03 -8.88 32.76
N GLU B 27 11.53 -10.09 32.49
CA GLU B 27 12.31 -11.31 32.69
C GLU B 27 13.50 -11.33 31.73
N ARG B 28 13.29 -10.97 30.47
CA ARG B 28 14.36 -10.92 29.48
C ARG B 28 15.41 -9.87 29.85
N LEU B 29 14.98 -8.71 30.35
CA LEU B 29 15.91 -7.65 30.77
C LEU B 29 16.78 -8.06 31.95
N ALA B 30 16.19 -8.79 32.91
CA ALA B 30 16.89 -9.27 34.12
C ALA B 30 17.87 -10.39 33.81
N GLN B 31 17.61 -11.21 32.77
CA GLN B 31 18.48 -12.33 32.37
C GLN B 31 19.89 -11.89 31.94
N GLY B 32 19.95 -10.80 31.19
CA GLY B 32 21.20 -10.25 30.70
C GLY B 32 20.95 -9.15 29.68
N PRO B 33 22.02 -8.62 29.05
CA PRO B 33 21.87 -7.55 28.06
C PRO B 33 21.01 -7.95 26.86
N ILE B 34 20.20 -7.01 26.39
CA ILE B 34 19.42 -7.18 25.15
C ILE B 34 19.87 -6.10 24.19
N ALA B 35 19.49 -6.25 22.93
CA ALA B 35 19.71 -5.20 21.93
C ALA B 35 18.34 -4.56 21.67
N LEU B 36 18.32 -3.24 21.60
CA LEU B 36 17.06 -2.48 21.38
C LEU B 36 17.25 -1.39 20.36
N TYR B 37 16.14 -0.84 19.82
CA TYR B 37 16.30 0.25 18.84
C TYR B 37 15.23 1.30 18.94
N CYS B 38 15.58 2.46 18.38
CA CYS B 38 14.61 3.54 18.18
C CYS B 38 14.98 4.20 16.87
N GLY B 39 13.98 4.53 16.08
CA GLY B 39 14.19 5.20 14.79
C GLY B 39 13.85 6.67 14.83
N PHE B 40 14.51 7.43 13.95
CA PHE B 40 14.37 8.88 13.82
C PHE B 40 14.33 9.21 12.34
N ASP B 41 13.22 9.80 11.88
CA ASP B 41 13.13 10.12 10.45
C ASP B 41 13.72 11.49 10.11
N PRO B 42 14.39 11.58 8.96
CA PRO B 42 14.94 12.86 8.50
C PRO B 42 13.89 13.76 7.82
N THR B 43 13.19 14.57 8.61
CA THR B 43 12.17 15.49 8.10
C THR B 43 12.67 16.92 8.25
N ALA B 44 13.84 17.09 8.88
CA ALA B 44 14.46 18.41 9.02
C ALA B 44 15.98 18.18 9.13
N ASP B 45 16.77 19.26 9.10
CA ASP B 45 18.24 19.16 9.22
C ASP B 45 18.73 18.98 10.67
N SER B 46 17.79 18.86 11.64
CA SER B 46 18.09 18.70 13.07
C SER B 46 16.96 17.99 13.80
N LEU B 47 17.30 17.36 14.94
CA LEU B 47 16.33 16.82 15.86
C LEU B 47 15.90 17.98 16.75
N HIS B 48 14.73 17.87 17.38
CA HIS B 48 14.24 18.85 18.35
C HIS B 48 14.11 18.17 19.73
N LEU B 49 13.66 18.93 20.76
CA LEU B 49 13.49 18.42 22.13
C LEU B 49 12.62 17.18 22.28
N GLY B 50 11.56 17.08 21.50
CA GLY B 50 10.68 15.92 21.51
C GLY B 50 11.44 14.64 21.19
N HIS B 51 12.26 14.68 20.13
CA HIS B 51 13.12 13.55 19.69
C HIS B 51 14.12 13.15 20.77
N LEU B 52 14.52 14.13 21.62
CA LEU B 52 15.47 13.86 22.69
C LEU B 52 14.92 12.90 23.76
N VAL B 53 13.60 12.87 23.98
CA VAL B 53 13.02 11.97 25.00
C VAL B 53 13.39 10.48 24.71
N PRO B 54 13.03 9.88 23.55
CA PRO B 54 13.42 8.46 23.33
C PRO B 54 14.93 8.30 23.12
N LEU B 55 15.58 9.32 22.56
CA LEU B 55 17.03 9.23 22.38
C LEU B 55 17.71 9.08 23.74
N LEU B 56 17.32 9.91 24.73
CA LEU B 56 17.92 9.74 26.06
C LEU B 56 17.52 8.42 26.69
N CYS B 57 16.33 7.91 26.34
CA CYS B 57 15.89 6.62 26.85
CA CYS B 57 15.90 6.62 26.86
C CYS B 57 16.78 5.47 26.33
N LEU B 58 17.28 5.59 25.09
CA LEU B 58 18.22 4.62 24.53
C LEU B 58 19.48 4.61 25.42
N LYS B 59 19.91 5.78 25.87
CA LYS B 59 21.07 5.91 26.78
C LYS B 59 20.76 5.33 28.16
N ARG B 60 19.52 5.52 28.66
CA ARG B 60 19.14 4.93 29.94
C ARG B 60 19.25 3.38 29.89
N PHE B 61 18.82 2.76 28.76
CA PHE B 61 18.94 1.29 28.57
C PHE B 61 20.40 0.91 28.48
N GLN B 62 21.20 1.71 27.76
CA GLN B 62 22.64 1.45 27.64
C GLN B 62 23.34 1.49 29.02
N GLN B 63 23.00 2.46 29.88
CA GLN B 63 23.57 2.57 31.24
C GLN B 63 23.24 1.33 32.10
N ALA B 64 22.10 0.66 31.82
CA ALA B 64 21.68 -0.59 32.48
C ALA B 64 22.35 -1.84 31.83
N GLY B 65 23.24 -1.64 30.84
CA GLY B 65 23.99 -2.71 30.20
C GLY B 65 23.46 -3.17 28.84
N HIS B 66 22.37 -2.56 28.36
CA HIS B 66 21.77 -2.99 27.10
C HIS B 66 22.43 -2.33 25.89
N LYS B 67 22.18 -2.87 24.69
CA LYS B 67 22.84 -2.40 23.47
C LYS B 67 21.90 -1.58 22.60
N PRO B 68 22.12 -0.25 22.49
CA PRO B 68 21.18 0.57 21.71
C PRO B 68 21.54 0.66 20.23
N VAL B 69 20.52 0.58 19.39
CA VAL B 69 20.66 0.77 17.95
C VAL B 69 19.87 2.04 17.60
N ALA B 70 20.53 3.07 17.07
CA ALA B 70 19.86 4.30 16.66
C ALA B 70 19.73 4.25 15.13
N LEU B 71 18.50 4.05 14.63
CA LEU B 71 18.24 3.96 13.20
C LEU B 71 17.84 5.32 12.67
N VAL B 72 18.38 5.71 11.52
CA VAL B 72 17.96 6.95 10.87
C VAL B 72 17.24 6.48 9.62
N GLY B 73 16.04 7.00 9.40
CA GLY B 73 15.19 6.58 8.29
C GLY B 73 15.49 7.14 6.90
N GLY B 74 16.58 6.68 6.29
CA GLY B 74 16.94 7.03 4.91
C GLY B 74 15.85 6.68 3.92
N ALA B 75 15.14 5.56 4.17
CA ALA B 75 14.03 5.10 3.30
C ALA B 75 12.71 5.67 3.73
N THR B 76 12.37 5.55 5.04
CA THR B 76 11.10 6.04 5.63
C THR B 76 10.94 7.56 5.46
N GLY B 77 12.05 8.29 5.52
CA GLY B 77 12.08 9.73 5.28
C GLY B 77 11.72 10.10 3.85
N LEU B 78 11.76 9.11 2.93
CA LEU B 78 11.35 9.31 1.52
C LEU B 78 9.85 8.98 1.34
N ILE B 79 9.19 8.51 2.42
CA ILE B 79 7.77 8.09 2.38
C ILE B 79 6.88 9.02 3.21
N GLY B 80 7.25 9.23 4.48
CA GLY B 80 6.56 10.14 5.39
C GLY B 80 5.61 9.45 6.35
N ASP B 81 5.89 9.59 7.68
CA ASP B 81 5.06 9.00 8.75
C ASP B 81 3.80 9.82 8.96
N PRO B 82 2.60 9.24 8.73
CA PRO B 82 1.35 10.02 8.93
C PRO B 82 0.85 10.04 10.37
N SER B 83 1.48 9.24 11.27
CA SER B 83 1.06 8.99 12.64
C SER B 83 0.68 10.25 13.40
N PHE B 84 -0.65 10.41 13.69
CA PHE B 84 -1.23 11.53 14.43
C PHE B 84 -0.94 12.92 13.80
N LYS B 85 -0.74 12.95 12.47
CA LYS B 85 -0.51 14.19 11.72
C LYS B 85 -1.79 14.48 10.96
N ALA B 86 -2.34 15.68 11.17
CA ALA B 86 -3.60 16.09 10.54
C ALA B 86 -3.47 16.26 9.02
N ALA B 87 -2.28 16.60 8.51
CA ALA B 87 -2.09 16.84 7.08
C ALA B 87 -1.02 15.99 6.39
N GLU B 88 -1.28 15.66 5.11
CA GLU B 88 -0.42 14.94 4.19
C GLU B 88 0.82 15.83 3.98
N ARG B 89 2.01 15.25 4.05
CA ARG B 89 3.23 15.99 3.88
C ARG B 89 3.67 15.93 2.44
N LYS B 90 4.39 16.98 1.97
CA LYS B 90 4.92 16.97 0.61
C LYS B 90 6.12 16.03 0.62
N LEU B 91 6.38 15.33 -0.48
CA LEU B 91 7.54 14.43 -0.57
C LEU B 91 8.82 15.27 -0.60
N ASN B 92 9.89 14.80 0.05
CA ASN B 92 11.17 15.49 -0.03
C ASN B 92 12.03 14.79 -1.08
N THR B 93 13.03 15.51 -1.62
CA THR B 93 13.92 14.96 -2.64
C THR B 93 14.93 13.99 -2.01
N GLU B 94 15.46 13.07 -2.80
CA GLU B 94 16.46 12.11 -2.32
C GLU B 94 17.75 12.84 -1.86
N GLU B 95 18.16 13.91 -2.58
CA GLU B 95 19.36 14.70 -2.22
C GLU B 95 19.19 15.37 -0.85
N THR B 96 18.04 16.03 -0.62
CA THR B 96 17.71 16.72 0.65
C THR B 96 17.63 15.73 1.81
N VAL B 97 16.95 14.58 1.60
CA VAL B 97 16.83 13.56 2.66
C VAL B 97 18.22 13.02 3.02
N GLN B 98 19.07 12.74 2.02
CA GLN B 98 20.44 12.28 2.30
C GLN B 98 21.22 13.30 3.15
N GLU B 99 21.10 14.61 2.87
CA GLU B 99 21.79 15.66 3.63
C GLU B 99 21.35 15.63 5.09
N TRP B 100 20.04 15.56 5.30
CA TRP B 100 19.40 15.49 6.62
C TRP B 100 19.80 14.21 7.38
N VAL B 101 19.89 13.06 6.67
CA VAL B 101 20.32 11.77 7.26
C VAL B 101 21.70 11.91 7.89
N ASP B 102 22.66 12.52 7.14
CA ASP B 102 24.02 12.70 7.61
C ASP B 102 24.09 13.60 8.83
N LYS B 103 23.30 14.70 8.81
CA LYS B 103 23.25 15.65 9.92
C LYS B 103 22.65 15.03 11.17
N ILE B 104 21.55 14.26 11.01
CA ILE B 104 20.89 13.62 12.14
C ILE B 104 21.76 12.52 12.77
N ARG B 105 22.37 11.63 11.95
CA ARG B 105 23.23 10.56 12.44
C ARG B 105 24.34 11.20 13.29
N LYS B 106 24.99 12.26 12.77
CA LYS B 106 26.07 12.95 13.50
C LYS B 106 25.60 13.65 14.76
N GLN B 107 24.36 14.12 14.76
CA GLN B 107 23.80 14.80 15.93
C GLN B 107 23.43 13.76 17.02
N VAL B 108 22.94 12.59 16.60
CA VAL B 108 22.56 11.51 17.50
C VAL B 108 23.79 10.93 18.21
N ALA B 109 24.86 10.60 17.44
CA ALA B 109 26.09 9.93 17.90
C ALA B 109 26.62 10.34 19.30
N PRO B 110 26.80 11.65 19.63
CA PRO B 110 27.38 12.01 20.94
C PRO B 110 26.53 11.62 22.16
N PHE B 111 25.24 11.31 21.95
CA PHE B 111 24.34 10.95 23.05
C PHE B 111 24.47 9.47 23.48
N LEU B 112 25.10 8.64 22.63
CA LEU B 112 25.29 7.21 22.93
C LEU B 112 26.76 6.83 22.96
N ASP B 113 27.09 5.74 23.69
CA ASP B 113 28.47 5.28 23.78
C ASP B 113 28.72 4.25 22.70
N PHE B 114 29.60 4.59 21.76
CA PHE B 114 30.00 3.69 20.67
C PHE B 114 31.27 2.93 21.01
N ASP B 115 31.75 3.04 22.26
CA ASP B 115 33.00 2.39 22.64
C ASP B 115 32.97 1.92 24.10
N CYS B 116 32.05 0.98 24.39
CA CYS B 116 31.91 0.43 25.73
C CYS B 116 31.77 -1.10 25.69
N GLY B 117 32.47 -1.74 24.75
CA GLY B 117 32.49 -3.19 24.61
C GLY B 117 31.29 -3.78 23.89
N GLU B 118 30.79 -4.92 24.39
CA GLU B 118 29.69 -5.68 23.77
C GLU B 118 28.40 -4.90 23.58
N ASN B 119 28.06 -3.97 24.50
CA ASN B 119 26.83 -3.20 24.36
C ASN B 119 27.06 -1.81 23.71
N SER B 120 28.14 -1.66 22.94
CA SER B 120 28.44 -0.40 22.21
C SER B 120 27.25 -0.11 21.29
N ALA B 121 26.90 1.17 21.11
CA ALA B 121 25.78 1.57 20.26
C ALA B 121 26.08 1.26 18.79
N ILE B 122 25.02 1.13 17.97
CA ILE B 122 25.10 0.88 16.53
C ILE B 122 24.25 1.92 15.80
N ALA B 123 24.78 2.49 14.71
CA ALA B 123 24.04 3.39 13.84
C ALA B 123 23.49 2.56 12.68
N ALA B 124 22.19 2.70 12.38
CA ALA B 124 21.57 1.93 11.29
C ALA B 124 20.81 2.85 10.37
N ASN B 125 20.57 2.39 9.14
CA ASN B 125 19.79 3.14 8.14
C ASN B 125 18.95 2.15 7.36
N ASN B 126 17.61 2.32 7.35
CA ASN B 126 16.69 1.42 6.66
C ASN B 126 16.76 1.53 5.14
N TYR B 127 17.53 2.50 4.58
CA TYR B 127 17.72 2.57 3.14
C TYR B 127 18.52 1.32 2.69
N ASP B 128 19.34 0.73 3.60
CA ASP B 128 20.15 -0.48 3.33
C ASP B 128 19.32 -1.63 2.77
N TRP B 129 18.10 -1.82 3.29
CA TRP B 129 17.22 -2.89 2.83
C TRP B 129 16.08 -2.43 1.93
N PHE B 130 15.68 -1.14 1.96
CA PHE B 130 14.60 -0.74 1.05
C PHE B 130 15.08 -0.25 -0.30
N GLY B 131 16.31 0.25 -0.36
CA GLY B 131 16.92 0.75 -1.59
C GLY B 131 17.02 -0.26 -2.73
N ASN B 132 17.08 -1.56 -2.41
CA ASN B 132 17.18 -2.63 -3.41
C ASN B 132 16.02 -3.65 -3.32
N MET B 133 14.92 -3.26 -2.66
CA MET B 133 13.76 -4.15 -2.56
C MET B 133 12.78 -3.90 -3.70
N ASN B 134 12.43 -4.95 -4.43
CA ASN B 134 11.46 -4.86 -5.53
C ASN B 134 10.03 -4.69 -4.95
N VAL B 135 9.14 -4.02 -5.70
CA VAL B 135 7.75 -3.75 -5.25
C VAL B 135 6.92 -5.06 -5.04
N LEU B 136 7.01 -6.06 -5.95
CA LEU B 136 6.27 -7.32 -5.81
C LEU B 136 6.74 -8.07 -4.55
N THR B 137 8.03 -8.00 -4.22
CA THR B 137 8.58 -8.61 -2.99
C THR B 137 7.95 -7.97 -1.76
N PHE B 138 7.92 -6.63 -1.73
CA PHE B 138 7.33 -5.90 -0.62
C PHE B 138 5.85 -6.23 -0.48
N LEU B 139 5.09 -6.13 -1.58
CA LEU B 139 3.65 -6.37 -1.56
C LEU B 139 3.29 -7.78 -1.13
N ARG B 140 4.00 -8.77 -1.62
CA ARG B 140 3.73 -10.18 -1.30
C ARG B 140 4.27 -10.59 0.09
N ASP B 141 5.60 -10.55 0.26
CA ASP B 141 6.27 -11.03 1.49
C ASP B 141 5.91 -10.25 2.72
N ILE B 142 5.73 -8.92 2.59
CA ILE B 142 5.37 -8.07 3.74
C ILE B 142 3.88 -7.78 3.77
N GLY B 143 3.33 -7.26 2.65
CA GLY B 143 1.94 -6.83 2.56
C GLY B 143 0.88 -7.87 2.86
N LYS B 144 1.16 -9.15 2.59
CA LYS B 144 0.16 -10.21 2.82
C LYS B 144 -0.16 -10.39 4.31
N HIS B 145 0.76 -9.97 5.17
CA HIS B 145 0.62 -10.07 6.61
C HIS B 145 -0.13 -8.91 7.24
N PHE B 146 -0.59 -7.95 6.43
CA PHE B 146 -1.28 -6.75 6.93
C PHE B 146 -2.71 -6.72 6.46
N SER B 147 -3.63 -6.52 7.41
CA SER B 147 -5.06 -6.42 7.12
C SER B 147 -5.41 -4.93 6.96
N VAL B 148 -6.02 -4.55 5.82
CA VAL B 148 -6.39 -3.14 5.59
C VAL B 148 -7.50 -2.71 6.58
N ASN B 149 -8.41 -3.65 6.92
CA ASN B 149 -9.49 -3.43 7.89
C ASN B 149 -8.89 -2.97 9.22
N GLN B 150 -7.83 -3.64 9.68
CA GLN B 150 -7.13 -3.25 10.90
C GLN B 150 -6.40 -1.93 10.72
N MET B 151 -5.68 -1.77 9.58
CA MET B 151 -4.90 -0.56 9.27
C MET B 151 -5.73 0.72 9.28
N ILE B 152 -6.92 0.72 8.65
CA ILE B 152 -7.79 1.90 8.54
C ILE B 152 -8.40 2.30 9.90
N ASN B 153 -8.38 1.37 10.89
CA ASN B 153 -8.91 1.57 12.22
C ASN B 153 -7.84 1.90 13.25
N LYS B 154 -6.55 1.98 12.82
CA LYS B 154 -5.47 2.36 13.74
C LYS B 154 -5.65 3.83 14.11
N GLU B 155 -5.56 4.16 15.43
CA GLU B 155 -5.73 5.52 15.96
C GLU B 155 -4.84 6.55 15.25
N ALA B 156 -3.59 6.17 14.90
CA ALA B 156 -2.63 7.06 14.25
C ALA B 156 -3.08 7.59 12.87
N VAL B 157 -4.04 6.90 12.16
CA VAL B 157 -4.49 7.29 10.81
C VAL B 157 -6.02 7.39 10.64
N LYS B 158 -6.83 6.89 11.60
CA LYS B 158 -8.32 6.89 11.50
C LYS B 158 -8.95 8.26 11.23
N GLN B 159 -8.41 9.34 11.83
CA GLN B 159 -8.97 10.69 11.61
C GLN B 159 -8.76 11.17 10.16
N ARG B 160 -7.67 10.71 9.51
CA ARG B 160 -7.37 11.04 8.11
C ARG B 160 -8.32 10.36 7.12
N LEU B 161 -9.06 9.34 7.58
CA LEU B 161 -9.97 8.55 6.74
C LEU B 161 -11.47 8.87 6.88
N ASN B 162 -11.84 10.17 6.83
CA ASN B 162 -13.25 10.57 6.84
C ASN B 162 -13.52 11.72 5.83
N ARG B 163 -12.54 12.64 5.66
CA ARG B 163 -12.64 13.75 4.70
C ARG B 163 -11.58 13.57 3.62
N GLU B 164 -12.00 13.38 2.35
CA GLU B 164 -11.12 13.18 1.20
C GLU B 164 -10.10 14.33 1.02
N ASP B 165 -10.54 15.59 1.26
CA ASP B 165 -9.72 16.80 1.18
C ASP B 165 -8.66 16.88 2.29
N GLN B 166 -8.90 16.18 3.42
CA GLN B 166 -8.01 16.09 4.59
C GLN B 166 -7.60 14.60 4.73
N GLY B 167 -7.24 13.98 3.60
CA GLY B 167 -6.96 12.56 3.51
C GLY B 167 -5.53 12.08 3.61
N ILE B 168 -5.34 10.81 3.23
CA ILE B 168 -4.06 10.12 3.29
C ILE B 168 -3.75 9.43 1.95
N SER B 169 -2.53 9.62 1.43
CA SER B 169 -2.12 8.96 0.18
C SER B 169 -1.78 7.51 0.46
N PHE B 170 -1.74 6.68 -0.57
CA PHE B 170 -1.30 5.29 -0.42
C PHE B 170 0.13 5.29 0.10
N THR B 171 0.97 6.29 -0.30
CA THR B 171 2.37 6.42 0.12
C THR B 171 2.47 6.46 1.63
N GLU B 172 1.77 7.42 2.26
CA GLU B 172 1.84 7.56 3.71
C GLU B 172 1.14 6.40 4.42
N PHE B 173 0.06 5.87 3.81
CA PHE B 173 -0.64 4.70 4.35
C PHE B 173 0.27 3.46 4.41
N SER B 174 1.25 3.36 3.49
CA SER B 174 2.15 2.21 3.43
C SER B 174 3.27 2.27 4.47
N TYR B 175 3.49 3.46 5.06
CA TYR B 175 4.58 3.70 6.03
C TYR B 175 4.67 2.66 7.15
N ASN B 176 3.51 2.33 7.75
CA ASN B 176 3.39 1.36 8.84
C ASN B 176 4.08 0.03 8.46
N LEU B 177 4.01 -0.38 7.19
CA LEU B 177 4.65 -1.62 6.72
C LEU B 177 6.17 -1.50 6.70
N LEU B 178 6.68 -0.32 6.34
CA LEU B 178 8.13 -0.10 6.29
C LEU B 178 8.74 -0.17 7.69
N GLN B 179 8.19 0.60 8.64
CA GLN B 179 8.70 0.54 10.02
C GLN B 179 8.51 -0.85 10.60
N GLY B 180 7.41 -1.54 10.24
CA GLY B 180 7.17 -2.92 10.69
C GLY B 180 8.29 -3.85 10.23
N TYR B 181 8.66 -3.73 8.95
CA TYR B 181 9.73 -4.57 8.41
C TYR B 181 11.10 -4.22 8.98
N ASP B 182 11.36 -2.92 9.30
CA ASP B 182 12.63 -2.53 9.93
C ASP B 182 12.84 -3.34 11.20
N PHE B 183 11.79 -3.51 12.01
CA PHE B 183 11.95 -4.26 13.28
C PHE B 183 12.37 -5.73 12.96
N ALA B 184 11.75 -6.36 11.95
CA ALA B 184 12.13 -7.73 11.53
C ALA B 184 13.59 -7.78 11.06
N CYS B 185 14.03 -6.74 10.30
CA CYS B 185 15.42 -6.63 9.81
C CYS B 185 16.44 -6.52 10.91
N LEU B 186 16.18 -5.62 11.87
CA LEU B 186 17.09 -5.42 13.01
C LEU B 186 17.09 -6.60 13.94
N ASN B 187 15.95 -7.30 14.05
CA ASN B 187 15.90 -8.53 14.85
C ASN B 187 16.84 -9.57 14.21
N LYS B 188 16.73 -9.77 12.88
CA LYS B 188 17.56 -10.75 12.16
C LYS B 188 19.06 -10.34 12.13
N GLN B 189 19.35 -9.05 11.86
CA GLN B 189 20.73 -8.57 11.72
C GLN B 189 21.50 -8.47 13.06
N TYR B 190 20.84 -7.93 14.10
CA TYR B 190 21.51 -7.69 15.39
C TYR B 190 20.89 -8.35 16.61
N GLY B 191 19.85 -9.17 16.42
CA GLY B 191 19.17 -9.78 17.56
C GLY B 191 18.39 -8.76 18.36
N VAL B 192 18.00 -7.63 17.71
CA VAL B 192 17.17 -6.60 18.36
C VAL B 192 15.84 -7.25 18.75
N VAL B 193 15.45 -7.12 20.02
CA VAL B 193 14.22 -7.72 20.54
C VAL B 193 13.31 -6.67 21.16
N LEU B 194 13.73 -5.40 21.13
CA LEU B 194 12.88 -4.35 21.67
C LEU B 194 12.97 -3.12 20.82
N GLN B 195 11.82 -2.49 20.61
CA GLN B 195 11.78 -1.19 19.93
C GLN B 195 11.12 -0.22 20.91
N ILE B 196 11.70 0.97 21.05
CA ILE B 196 11.13 2.01 21.86
C ILE B 196 10.84 3.22 20.95
N GLY B 197 9.97 4.12 21.43
CA GLY B 197 9.64 5.34 20.72
C GLY B 197 8.64 6.10 21.57
N GLY B 198 8.20 7.25 21.08
CA GLY B 198 7.14 8.01 21.76
C GLY B 198 5.81 7.31 21.53
N SER B 199 4.76 7.67 22.32
CA SER B 199 3.47 6.97 22.24
C SER B 199 2.77 7.00 20.87
N ASP B 200 3.07 8.01 20.02
CA ASP B 200 2.51 8.09 18.65
C ASP B 200 3.03 6.92 17.79
N GLN B 201 4.14 6.29 18.20
CA GLN B 201 4.73 5.18 17.44
C GLN B 201 4.18 3.79 17.83
N TRP B 202 3.23 3.71 18.75
CA TRP B 202 2.71 2.42 19.23
C TRP B 202 2.30 1.47 18.10
N GLY B 203 1.45 1.95 17.19
CA GLY B 203 0.95 1.13 16.09
C GLY B 203 2.04 0.70 15.12
N ASN B 204 3.01 1.60 14.85
CA ASN B 204 4.13 1.26 13.97
C ASN B 204 4.98 0.18 14.66
N ILE B 205 5.09 0.26 16.00
CA ILE B 205 5.85 -0.72 16.79
C ILE B 205 5.18 -2.09 16.82
N THR B 206 3.88 -2.14 17.16
CA THR B 206 3.16 -3.41 17.25
C THR B 206 3.10 -4.13 15.88
N SER B 207 3.02 -3.37 14.77
CA SER B 207 3.06 -3.98 13.44
C SER B 207 4.41 -4.73 13.24
N GLY B 208 5.50 -4.15 13.76
CA GLY B 208 6.83 -4.77 13.69
C GLY B 208 6.94 -6.02 14.54
N ILE B 209 6.28 -6.01 15.69
CA ILE B 209 6.25 -7.16 16.60
C ILE B 209 5.54 -8.32 15.87
N ASP B 210 4.33 -8.04 15.33
CA ASP B 210 3.55 -9.06 14.62
C ASP B 210 4.31 -9.58 13.40
N LEU B 211 4.89 -8.67 12.61
CA LEU B 211 5.61 -9.06 11.38
C LEU B 211 6.86 -9.90 11.68
N THR B 212 7.59 -9.58 12.78
CA THR B 212 8.77 -10.37 13.21
C THR B 212 8.34 -11.80 13.55
N ARG B 213 7.16 -11.97 14.18
CA ARG B 213 6.62 -13.33 14.46
C ARG B 213 6.37 -14.08 13.15
N ARG B 214 5.72 -13.42 12.18
CA ARG B 214 5.36 -14.03 10.90
C ARG B 214 6.55 -14.35 10.02
N LEU B 215 7.55 -13.45 9.96
CA LEU B 215 8.73 -13.65 9.10
C LEU B 215 9.86 -14.44 9.74
N HIS B 216 10.18 -14.17 11.01
CA HIS B 216 11.36 -14.81 11.63
C HIS B 216 11.04 -15.78 12.74
N GLN B 217 9.73 -15.92 13.08
CA GLN B 217 9.29 -16.81 14.17
C GLN B 217 9.98 -16.48 15.50
N ASN B 218 10.13 -15.15 15.76
CA ASN B 218 10.77 -14.65 16.98
C ASN B 218 9.86 -13.73 17.75
N GLN B 219 10.01 -13.77 19.05
CA GLN B 219 9.25 -12.94 19.96
C GLN B 219 10.04 -11.66 20.24
N VAL B 220 9.43 -10.51 19.93
CA VAL B 220 10.03 -9.19 20.19
C VAL B 220 9.03 -8.30 20.94
N PHE B 221 9.51 -7.19 21.52
CA PHE B 221 8.70 -6.37 22.42
C PHE B 221 8.70 -4.91 22.05
N GLY B 222 7.75 -4.18 22.60
CA GLY B 222 7.64 -2.75 22.35
C GLY B 222 7.45 -2.02 23.66
N LEU B 223 8.02 -0.83 23.77
CA LEU B 223 7.88 0.02 24.96
C LEU B 223 7.80 1.43 24.43
N THR B 224 6.78 2.18 24.82
CA THR B 224 6.70 3.57 24.41
C THR B 224 6.90 4.51 25.58
N VAL B 225 7.40 5.71 25.27
CA VAL B 225 7.61 6.79 26.24
C VAL B 225 6.46 7.76 26.02
N PRO B 226 5.89 8.35 27.07
CA PRO B 226 4.78 9.29 26.85
C PRO B 226 5.30 10.47 26.06
N LEU B 227 4.43 11.07 25.27
CA LEU B 227 4.77 12.29 24.56
C LEU B 227 4.82 13.37 25.62
N ILE B 228 5.98 14.02 25.73
CA ILE B 228 6.14 15.04 26.74
C ILE B 228 5.31 16.24 26.32
N THR B 229 4.52 16.76 27.26
CA THR B 229 3.61 17.88 27.09
C THR B 229 3.80 18.81 28.28
N LYS B 230 3.08 19.95 28.25
CA LYS B 230 3.02 20.93 29.33
C LYS B 230 1.70 20.70 30.07
N ALA B 231 1.71 20.88 31.40
CA ALA B 231 0.56 20.73 32.28
C ALA B 231 -0.64 21.61 31.90
N ASP B 232 -0.39 22.81 31.29
CA ASP B 232 -1.45 23.74 30.89
C ASP B 232 -2.20 23.33 29.61
N GLY B 233 -1.77 22.24 28.97
CA GLY B 233 -2.37 21.71 27.76
C GLY B 233 -1.87 22.33 26.47
N THR B 234 -1.04 23.39 26.56
CA THR B 234 -0.48 24.05 25.38
C THR B 234 0.63 23.19 24.77
N LYS B 235 1.02 23.48 23.51
CA LYS B 235 2.03 22.74 22.74
C LYS B 235 3.42 22.77 23.40
N PHE B 236 4.05 21.58 23.57
CA PHE B 236 5.40 21.48 24.13
C PHE B 236 6.45 22.10 23.17
N GLY B 242 9.01 28.36 16.64
CA GLY B 242 8.20 27.28 17.17
C GLY B 242 8.96 26.26 18.00
N ALA B 243 9.52 25.22 17.34
CA ALA B 243 10.25 24.13 17.96
C ALA B 243 11.57 24.56 18.61
N VAL B 244 12.04 23.75 19.56
CA VAL B 244 13.31 24.00 20.25
C VAL B 244 14.25 22.97 19.69
N TRP B 245 15.12 23.39 18.79
CA TRP B 245 16.03 22.49 18.08
C TRP B 245 17.29 22.19 18.88
N LEU B 246 17.99 21.07 18.56
CA LEU B 246 19.27 20.76 19.19
C LEU B 246 20.43 21.49 18.49
N ASP B 247 20.27 21.78 17.18
CA ASP B 247 21.28 22.46 16.38
C ASP B 247 21.44 23.92 16.91
N PRO B 248 22.65 24.37 17.34
CA PRO B 248 22.78 25.75 17.86
C PRO B 248 22.56 26.85 16.82
N LYS B 249 22.64 26.50 15.53
CA LYS B 249 22.39 27.46 14.46
C LYS B 249 20.90 27.63 14.21
N LYS B 250 20.05 26.80 14.85
CA LYS B 250 18.58 26.84 14.74
C LYS B 250 17.95 27.40 16.03
N THR B 251 18.50 27.03 17.21
CA THR B 251 18.09 27.49 18.52
C THR B 251 19.39 27.69 19.26
N SER B 252 19.76 28.94 19.53
CA SER B 252 21.03 29.20 20.21
C SER B 252 21.09 28.58 21.61
N PRO B 253 22.31 28.22 22.10
CA PRO B 253 22.45 27.73 23.49
C PRO B 253 21.78 28.68 24.52
N TYR B 254 21.87 30.02 24.31
CA TYR B 254 21.22 31.00 25.18
C TYR B 254 19.69 30.80 25.21
N LYS B 255 19.05 30.76 24.04
CA LYS B 255 17.61 30.58 23.94
C LYS B 255 17.20 29.20 24.53
N PHE B 256 18.01 28.19 24.28
CA PHE B 256 17.78 26.82 24.79
C PHE B 256 17.76 26.85 26.34
N TYR B 257 18.79 27.44 26.93
CA TYR B 257 18.95 27.61 28.37
C TYR B 257 17.74 28.40 28.96
N GLN B 258 17.41 29.57 28.35
CA GLN B 258 16.28 30.39 28.78
C GLN B 258 14.94 29.65 28.71
N PHE B 259 14.76 28.76 27.72
CA PHE B 259 13.53 27.94 27.59
C PHE B 259 13.39 27.07 28.86
N TRP B 260 14.51 26.47 29.32
CA TRP B 260 14.49 25.66 30.54
C TRP B 260 14.29 26.49 31.78
N ILE B 261 14.90 27.67 31.87
CA ILE B 261 14.74 28.61 33.01
C ILE B 261 13.29 28.96 33.19
N ASN B 262 12.56 29.16 32.08
CA ASN B 262 11.18 29.61 32.09
C ASN B 262 10.14 28.49 32.20
N THR B 263 10.58 27.24 32.47
CA THR B 263 9.68 26.10 32.67
C THR B 263 8.71 26.44 33.80
N ALA B 264 7.41 26.09 33.62
CA ALA B 264 6.40 26.27 34.66
C ALA B 264 6.67 25.29 35.83
N ASP B 265 6.27 25.67 37.05
CA ASP B 265 6.46 24.83 38.26
C ASP B 265 5.80 23.46 38.13
N ALA B 266 4.60 23.39 37.51
CA ALA B 266 3.89 22.12 37.31
C ALA B 266 4.66 21.16 36.38
N ASP B 267 5.60 21.67 35.55
CA ASP B 267 6.38 20.87 34.58
C ASP B 267 7.85 20.56 34.96
N VAL B 268 8.46 21.38 35.81
CA VAL B 268 9.90 21.29 36.09
C VAL B 268 10.37 19.91 36.61
N TYR B 269 9.67 19.27 37.54
CA TYR B 269 10.13 17.97 38.07
C TYR B 269 9.97 16.86 37.04
N ARG B 270 8.90 16.88 36.25
CA ARG B 270 8.69 15.90 35.17
C ARG B 270 9.78 16.10 34.10
N PHE B 271 10.11 17.37 33.80
CA PHE B 271 11.14 17.68 32.79
C PHE B 271 12.51 17.22 33.29
N LEU B 272 12.77 17.33 34.60
CA LEU B 272 14.04 16.81 35.16
C LEU B 272 14.14 15.29 34.92
N LYS B 273 13.02 14.59 35.12
CA LYS B 273 12.94 13.13 34.95
C LYS B 273 13.11 12.72 33.50
N PHE B 274 12.52 13.51 32.59
CA PHE B 274 12.58 13.18 31.16
C PHE B 274 13.86 13.57 30.47
N PHE B 275 14.46 14.70 30.88
CA PHE B 275 15.56 15.29 30.12
C PHE B 275 16.96 15.24 30.76
N THR B 276 17.07 14.66 31.96
CA THR B 276 18.37 14.59 32.64
C THR B 276 18.64 13.17 33.12
N PHE B 277 19.86 12.94 33.58
CA PHE B 277 20.28 11.66 34.16
C PHE B 277 20.42 11.77 35.67
N MET B 278 19.80 12.81 36.28
CA MET B 278 19.79 12.93 37.74
C MET B 278 18.97 11.77 38.29
N SER B 279 19.40 11.23 39.47
CA SER B 279 18.69 10.10 40.06
C SER B 279 17.28 10.52 40.48
N ILE B 280 16.35 9.56 40.57
CA ILE B 280 15.00 9.88 41.05
C ILE B 280 15.04 10.43 42.51
N GLU B 281 15.98 9.94 43.34
CA GLU B 281 16.19 10.38 44.73
C GLU B 281 16.61 11.86 44.76
N GLU B 282 17.57 12.26 43.90
CA GLU B 282 17.96 13.67 43.87
C GLU B 282 16.83 14.59 43.38
N ILE B 283 16.11 14.18 42.32
CA ILE B 283 14.97 14.96 41.82
C ILE B 283 13.90 15.11 42.92
N ASN B 284 13.57 14.01 43.61
CA ASN B 284 12.59 14.03 44.70
C ASN B 284 13.03 14.94 45.85
N ALA B 285 14.34 14.92 46.19
CA ALA B 285 14.89 15.79 47.23
C ALA B 285 14.83 17.27 46.80
N LEU B 286 15.04 17.55 45.49
CA LEU B 286 14.96 18.91 44.94
C LEU B 286 13.51 19.42 45.02
N GLU B 287 12.51 18.56 44.68
CA GLU B 287 11.09 18.92 44.81
C GLU B 287 10.73 19.19 46.29
N GLU B 288 11.20 18.32 47.21
CA GLU B 288 10.99 18.45 48.65
C GLU B 288 11.55 19.78 49.17
N GLU B 289 12.80 20.10 48.81
CA GLU B 289 13.43 21.35 49.20
C GLU B 289 12.57 22.54 48.76
N ASP B 290 12.16 22.56 47.47
CA ASP B 290 11.33 23.61 46.90
C ASP B 290 9.96 23.72 47.58
N LYS B 291 9.39 22.57 47.98
CA LYS B 291 8.08 22.52 48.64
C LYS B 291 8.14 23.11 50.05
N ASN B 292 9.30 23.01 50.72
CA ASN B 292 9.51 23.46 52.10
C ASN B 292 10.41 24.70 52.27
N SER B 293 10.92 25.29 51.17
CA SER B 293 11.81 26.46 51.24
C SER B 293 11.14 27.78 51.70
N GLY B 294 9.90 28.00 51.26
CA GLY B 294 9.16 29.22 51.52
C GLY B 294 9.51 30.30 50.51
N LYS B 295 10.14 29.90 49.39
CA LYS B 295 10.58 30.77 48.30
C LYS B 295 10.17 30.15 46.98
N ALA B 296 10.41 30.84 45.85
CA ALA B 296 10.09 30.34 44.52
C ALA B 296 11.04 29.14 44.18
N PRO B 297 10.61 28.15 43.34
CA PRO B 297 11.51 27.01 43.06
C PRO B 297 12.86 27.36 42.43
N ARG B 298 13.88 26.57 42.75
CA ARG B 298 15.20 26.71 42.15
C ARG B 298 15.47 25.54 41.18
N ALA B 299 14.51 24.59 41.06
CA ALA B 299 14.65 23.44 40.16
C ALA B 299 14.83 23.84 38.70
N GLN B 300 14.26 25.01 38.29
CA GLN B 300 14.40 25.46 36.87
C GLN B 300 15.85 25.74 36.53
N TYR B 301 16.60 26.28 37.50
CA TYR B 301 18.02 26.56 37.36
C TYR B 301 18.83 25.30 37.18
N VAL B 302 18.50 24.27 37.98
CA VAL B 302 19.10 22.94 37.90
C VAL B 302 18.79 22.29 36.53
N LEU B 303 17.54 22.32 36.10
CA LEU B 303 17.12 21.77 34.81
C LEU B 303 17.83 22.47 33.65
N ALA B 304 17.86 23.82 33.67
CA ALA B 304 18.56 24.57 32.62
C ALA B 304 20.04 24.19 32.57
N GLU B 305 20.75 24.09 33.71
CA GLU B 305 22.17 23.75 33.70
C GLU B 305 22.39 22.37 33.13
N GLN B 306 21.61 21.37 33.57
CA GLN B 306 21.77 19.98 33.16
C GLN B 306 21.58 19.77 31.67
N VAL B 307 20.43 20.21 31.15
CA VAL B 307 20.10 19.96 29.74
C VAL B 307 20.99 20.78 28.80
N THR B 308 21.30 22.05 29.19
CA THR B 308 22.16 22.88 28.33
C THR B 308 23.56 22.27 28.26
N ARG B 309 24.10 21.80 29.40
CA ARG B 309 25.41 21.14 29.39
C ARG B 309 25.34 19.84 28.56
N LEU B 310 24.27 19.10 28.69
CA LEU B 310 24.10 17.84 27.96
C LEU B 310 24.14 18.07 26.42
N VAL B 311 23.34 19.02 25.94
CA VAL B 311 23.18 19.26 24.50
C VAL B 311 24.30 20.12 23.92
N HIS B 312 24.66 21.22 24.61
CA HIS B 312 25.64 22.18 24.09
C HIS B 312 27.01 22.20 24.78
N GLY B 313 27.24 21.31 25.74
CA GLY B 313 28.51 21.19 26.44
C GLY B 313 28.74 22.26 27.49
N GLU B 314 29.88 22.15 28.18
CA GLU B 314 30.25 23.13 29.18
C GLU B 314 30.38 24.52 28.54
N GLU B 315 30.95 24.60 27.31
CA GLU B 315 31.15 25.85 26.59
C GLU B 315 29.80 26.51 26.26
N GLY B 316 28.83 25.71 25.83
CA GLY B 316 27.48 26.16 25.50
C GLY B 316 26.75 26.70 26.71
N LEU B 317 26.88 25.99 27.85
CA LEU B 317 26.29 26.38 29.12
C LEU B 317 26.91 27.69 29.62
N GLN B 318 28.24 27.80 29.54
CA GLN B 318 28.91 28.99 30.04
C GLN B 318 28.51 30.23 29.22
N ALA B 319 28.34 30.07 27.90
CA ALA B 319 27.89 31.16 27.01
C ALA B 319 26.46 31.60 27.38
N ALA B 320 25.53 30.63 27.57
CA ALA B 320 24.13 30.91 27.95
C ALA B 320 24.06 31.68 29.27
N LYS B 321 24.87 31.26 30.27
CA LYS B 321 24.92 31.92 31.58
C LYS B 321 25.52 33.31 31.52
N ARG B 322 26.60 33.49 30.71
CA ARG B 322 27.30 34.78 30.53
C ARG B 322 26.35 35.81 29.87
N ILE B 323 25.64 35.37 28.81
CA ILE B 323 24.65 36.21 28.11
C ILE B 323 23.52 36.62 29.09
N THR B 324 22.94 35.63 29.81
CA THR B 324 21.88 35.86 30.80
C THR B 324 22.34 36.90 31.84
N GLU B 325 23.55 36.68 32.41
CA GLU B 325 24.15 37.53 33.43
C GLU B 325 24.39 38.94 32.92
N CYS B 326 24.94 39.08 31.69
CA CYS B 326 25.19 40.41 31.08
C CYS B 326 23.92 41.20 30.84
N LEU B 327 22.84 40.55 30.34
CA LEU B 327 21.55 41.20 30.13
C LEU B 327 21.01 41.67 31.47
N PHE B 328 21.06 40.80 32.50
CA PHE B 328 20.57 41.16 33.83
C PHE B 328 21.34 42.31 34.47
N SER B 329 22.68 42.28 34.41
CA SER B 329 23.52 43.32 35.00
C SER B 329 23.48 44.65 34.24
N GLY B 330 23.34 44.57 32.92
CA GLY B 330 23.36 45.71 32.02
C GLY B 330 24.73 45.87 31.38
N SER B 331 25.79 45.49 32.11
CA SER B 331 27.18 45.54 31.65
C SER B 331 27.43 44.45 30.60
N LEU B 332 27.78 44.87 29.39
CA LEU B 332 27.99 43.98 28.24
C LEU B 332 29.48 43.73 27.89
N SER B 333 30.43 44.27 28.69
CA SER B 333 31.88 44.12 28.52
C SER B 333 32.33 42.65 28.36
N ALA B 334 31.73 41.72 29.15
CA ALA B 334 32.07 40.30 29.09
C ALA B 334 31.55 39.59 27.82
N LEU B 335 30.66 40.22 27.06
CA LEU B 335 30.12 39.60 25.85
C LEU B 335 31.09 39.55 24.68
N SER B 336 31.24 38.38 24.06
CA SER B 336 32.09 38.24 22.88
C SER B 336 31.22 38.53 21.64
N GLU B 337 31.86 38.59 20.46
CA GLU B 337 31.16 38.77 19.19
C GLU B 337 30.21 37.58 18.96
N ALA B 338 30.68 36.34 19.26
CA ALA B 338 29.89 35.12 19.13
C ALA B 338 28.64 35.18 20.02
N ASP B 339 28.75 35.80 21.23
CA ASP B 339 27.62 35.98 22.15
C ASP B 339 26.56 36.90 21.54
N PHE B 340 27.00 38.03 20.95
CA PHE B 340 26.10 38.95 20.28
C PHE B 340 25.42 38.28 19.09
N GLU B 341 26.12 37.34 18.42
CA GLU B 341 25.54 36.60 17.29
C GLU B 341 24.40 35.67 17.74
N GLN B 342 24.47 35.12 18.99
CA GLN B 342 23.40 34.30 19.56
C GLN B 342 22.21 35.25 19.82
N LEU B 343 22.47 36.42 20.44
CA LEU B 343 21.43 37.45 20.68
C LEU B 343 20.74 37.89 19.39
N ALA B 344 21.52 38.17 18.32
CA ALA B 344 20.97 38.58 17.02
C ALA B 344 20.17 37.46 16.37
N GLN B 345 20.63 36.18 16.50
CA GLN B 345 19.93 35.04 15.89
C GLN B 345 18.52 34.86 16.49
N ASP B 346 18.41 34.79 17.84
CA ASP B 346 17.10 34.52 18.46
C ASP B 346 17.00 34.88 19.95
N GLY B 347 18.03 35.51 20.52
CA GLY B 347 18.04 35.83 21.95
C GLY B 347 17.11 36.96 22.37
N VAL B 348 17.18 38.06 21.65
CA VAL B 348 16.34 39.24 21.88
C VAL B 348 15.80 39.71 20.53
N PRO B 349 14.71 40.51 20.47
CA PRO B 349 14.30 41.07 19.17
C PRO B 349 15.45 41.92 18.60
N MET B 350 15.62 41.90 17.29
CA MET B 350 16.68 42.65 16.65
C MET B 350 16.20 43.46 15.47
N VAL B 351 16.93 44.54 15.14
CA VAL B 351 16.69 45.38 13.95
C VAL B 351 18.01 45.73 13.31
N GLU B 352 18.03 45.75 11.99
CA GLU B 352 19.19 46.20 11.23
C GLU B 352 19.01 47.69 11.00
N MET B 353 20.05 48.49 11.25
CA MET B 353 19.97 49.95 11.09
C MET B 353 21.23 50.52 10.46
N GLU B 354 21.07 51.61 9.67
CA GLU B 354 22.21 52.27 9.07
C GLU B 354 22.85 53.18 10.13
N LYS B 355 24.20 53.10 10.26
CA LYS B 355 24.97 53.94 11.19
C LYS B 355 24.66 55.41 10.88
N GLY B 356 24.46 56.21 11.93
CA GLY B 356 24.12 57.62 11.81
C GLY B 356 22.72 57.89 12.33
N ALA B 357 21.93 56.82 12.55
CA ALA B 357 20.58 56.89 13.12
C ALA B 357 20.68 57.44 14.54
N ASP B 358 19.78 58.38 14.91
CA ASP B 358 19.76 58.93 16.26
C ASP B 358 19.01 57.99 17.19
N LEU B 359 19.09 58.28 18.49
CA LEU B 359 18.45 57.45 19.52
C LEU B 359 16.94 57.38 19.31
N MET B 360 16.29 58.53 18.95
CA MET B 360 14.85 58.60 18.71
C MET B 360 14.41 57.64 17.58
N GLN B 361 15.15 57.66 16.45
CA GLN B 361 14.86 56.80 15.30
C GLN B 361 15.16 55.33 15.60
N ALA B 362 16.15 55.05 16.47
CA ALA B 362 16.46 53.67 16.82
C ALA B 362 15.34 53.13 17.68
N LEU B 363 14.76 53.97 18.56
CA LEU B 363 13.63 53.59 19.39
C LEU B 363 12.36 53.32 18.58
N VAL B 364 12.10 54.15 17.54
CA VAL B 364 10.94 54.00 16.63
C VAL B 364 11.08 52.74 15.77
N ASP B 365 12.19 52.61 15.03
CA ASP B 365 12.44 51.49 14.11
C ASP B 365 12.50 50.11 14.83
N SER B 366 13.06 50.07 16.06
CA SER B 366 13.12 48.85 16.89
C SER B 366 11.73 48.49 17.46
N GLU B 367 10.72 49.39 17.28
CA GLU B 367 9.34 49.26 17.76
C GLU B 367 9.25 49.37 19.29
N LEU B 368 10.31 49.91 19.92
CA LEU B 368 10.35 50.16 21.37
C LEU B 368 9.49 51.40 21.69
N GLN B 369 9.25 52.26 20.68
CA GLN B 369 8.44 53.48 20.77
C GLN B 369 7.56 53.66 19.52
N PRO B 370 6.34 54.23 19.63
CA PRO B 370 5.49 54.38 18.43
C PRO B 370 5.86 55.51 17.47
N SER B 371 6.47 56.60 18.00
CA SER B 371 6.85 57.80 17.26
C SER B 371 8.04 58.50 17.93
N ARG B 372 8.67 59.44 17.20
CA ARG B 372 9.80 60.25 17.66
C ARG B 372 9.39 61.16 18.81
N GLY B 373 8.16 61.65 18.75
CA GLY B 373 7.56 62.54 19.76
C GLY B 373 7.42 61.82 21.08
N GLN B 374 6.96 60.55 21.02
CA GLN B 374 6.82 59.68 22.19
C GLN B 374 8.21 59.29 22.67
N ALA B 375 9.11 58.88 21.74
CA ALA B 375 10.52 58.54 22.03
C ALA B 375 11.23 59.64 22.82
N ARG B 376 10.99 60.93 22.47
CA ARG B 376 11.53 62.13 23.11
C ARG B 376 11.23 62.16 24.62
N LYS B 377 9.95 61.93 25.00
CA LYS B 377 9.52 61.92 26.40
C LYS B 377 10.04 60.71 27.16
N THR B 378 10.09 59.53 26.52
CA THR B 378 10.58 58.30 27.16
C THR B 378 12.07 58.43 27.47
N ILE B 379 12.84 59.07 26.56
CA ILE B 379 14.28 59.31 26.75
C ILE B 379 14.45 60.29 27.92
N ALA B 380 13.72 61.42 27.88
CA ALA B 380 13.75 62.45 28.93
C ALA B 380 13.42 61.91 30.33
N SER B 381 12.51 60.90 30.43
CA SER B 381 12.11 60.26 31.69
C SER B 381 13.14 59.25 32.27
N ASN B 382 14.30 59.08 31.60
CA ASN B 382 15.39 58.18 32.02
C ASN B 382 14.96 56.68 32.01
N ALA B 383 14.12 56.29 31.02
CA ALA B 383 13.61 54.91 30.88
C ALA B 383 14.44 54.08 29.89
N ILE B 384 15.39 54.73 29.18
CA ILE B 384 16.21 54.10 28.17
C ILE B 384 17.67 53.93 28.58
N THR B 385 18.20 52.74 28.31
CA THR B 385 19.60 52.37 28.48
C THR B 385 20.20 51.98 27.12
N ILE B 386 21.48 52.30 26.93
CA ILE B 386 22.28 51.97 25.74
C ILE B 386 23.44 51.11 26.28
N ASN B 387 23.49 49.82 25.91
CA ASN B 387 24.50 48.88 26.39
C ASN B 387 24.55 48.91 27.94
N GLY B 388 23.37 49.05 28.53
CA GLY B 388 23.18 49.08 29.97
C GLY B 388 23.38 50.42 30.66
N GLU B 389 23.85 51.43 29.92
CA GLU B 389 24.08 52.75 30.48
C GLU B 389 22.90 53.68 30.19
N LYS B 390 22.44 54.41 31.21
CA LYS B 390 21.33 55.36 31.08
C LYS B 390 21.67 56.50 30.14
N GLN B 391 20.73 56.86 29.27
CA GLN B 391 20.87 57.98 28.34
C GLN B 391 19.57 58.77 28.35
N SER B 392 19.59 59.99 28.93
CA SER B 392 18.37 60.80 29.07
C SER B 392 18.29 62.01 28.12
N ASP B 393 19.24 62.16 27.19
CA ASP B 393 19.21 63.25 26.21
C ASP B 393 18.39 62.80 24.98
N PRO B 394 17.18 63.37 24.75
CA PRO B 394 16.40 62.98 23.57
C PRO B 394 17.11 63.19 22.23
N GLU B 395 17.98 64.20 22.14
CA GLU B 395 18.67 64.56 20.90
C GLU B 395 19.97 63.78 20.68
N TYR B 396 20.26 62.79 21.54
CA TYR B 396 21.47 62.00 21.47
C TYR B 396 21.65 61.14 20.19
N PHE B 397 22.90 61.12 19.67
CA PHE B 397 23.35 60.19 18.61
C PHE B 397 24.36 59.28 19.31
N PHE B 398 24.35 58.00 18.93
CA PHE B 398 25.25 56.98 19.48
C PHE B 398 26.68 57.30 19.16
N LYS B 399 27.59 56.91 20.06
CA LYS B 399 29.03 57.11 19.84
C LYS B 399 29.54 55.88 19.08
N GLU B 400 30.67 56.01 18.36
CA GLU B 400 31.26 54.87 17.65
C GLU B 400 31.62 53.70 18.59
N GLU B 401 32.07 54.02 19.82
CA GLU B 401 32.43 53.07 20.88
C GLU B 401 31.21 52.27 21.38
N GLU B 402 29.99 52.82 21.18
CA GLU B 402 28.72 52.19 21.58
C GLU B 402 28.28 51.09 20.60
N ARG B 403 28.89 51.06 19.41
CA ARG B 403 28.63 49.99 18.44
C ARG B 403 29.67 48.93 18.79
N LEU B 404 29.30 47.99 19.66
CA LEU B 404 30.20 46.93 20.14
C LEU B 404 30.60 46.00 19.00
N PHE B 405 31.94 45.76 18.86
CA PHE B 405 32.57 45.02 17.77
C PHE B 405 32.28 45.70 16.40
N GLY B 406 31.99 47.01 16.47
CA GLY B 406 31.66 47.85 15.33
C GLY B 406 30.26 47.63 14.76
N ARG B 407 29.44 46.73 15.36
CA ARG B 407 28.11 46.48 14.78
C ARG B 407 26.96 46.11 15.74
N PHE B 408 27.13 46.23 17.07
CA PHE B 408 26.06 45.87 18.01
C PHE B 408 25.77 46.88 19.10
N THR B 409 24.51 47.26 19.27
CA THR B 409 24.12 48.15 20.36
C THR B 409 22.83 47.61 20.93
N LEU B 410 22.81 47.35 22.23
CA LEU B 410 21.61 46.85 22.83
C LEU B 410 20.80 47.96 23.52
N LEU B 411 19.58 48.18 23.02
CA LEU B 411 18.63 49.12 23.60
C LEU B 411 17.70 48.38 24.56
N ARG B 412 17.30 49.06 25.64
CA ARG B 412 16.35 48.51 26.61
C ARG B 412 15.45 49.65 27.09
N ARG B 413 14.12 49.42 27.02
CA ARG B 413 13.08 50.34 27.48
C ARG B 413 12.54 49.66 28.74
N GLY B 414 12.61 50.36 29.87
CA GLY B 414 12.20 49.79 31.16
C GLY B 414 13.16 48.71 31.60
N LYS B 415 12.65 47.72 32.35
CA LYS B 415 13.47 46.64 32.86
C LYS B 415 13.66 45.45 31.92
N LYS B 416 12.78 45.25 30.91
CA LYS B 416 12.89 44.02 30.10
C LYS B 416 12.58 44.12 28.59
N ASN B 417 12.23 45.30 28.08
CA ASN B 417 11.93 45.43 26.64
C ASN B 417 13.22 45.76 25.90
N TYR B 418 13.81 44.71 25.33
CA TYR B 418 15.07 44.75 24.60
C TYR B 418 14.90 44.78 23.12
N CYS B 419 15.89 45.41 22.47
CA CYS B 419 16.10 45.32 21.04
C CYS B 419 17.55 45.53 20.73
N LEU B 420 18.14 44.52 20.08
CA LEU B 420 19.52 44.58 19.62
C LEU B 420 19.55 45.30 18.29
N ILE B 421 20.37 46.37 18.18
CA ILE B 421 20.56 47.04 16.90
C ILE B 421 21.78 46.37 16.29
N CYS B 422 21.60 45.87 15.05
CA CYS B 422 22.68 45.33 14.23
C CYS B 422 22.99 46.38 13.13
N TRP B 423 24.10 47.11 13.33
CA TRP B 423 24.55 48.17 12.47
C TRP B 423 25.09 47.72 11.12
N LYS B 424 24.62 48.39 10.05
CA LYS B 424 25.03 48.16 8.67
C LYS B 424 25.85 49.37 8.17
CD1 YSA C . -6.50 -5.92 -16.40
CE1 YSA C . -5.74 -4.82 -16.77
CZ YSA C . -4.41 -4.74 -16.36
OH YSA C . -3.67 -3.63 -16.63
CE2 YSA C . -3.85 -5.78 -15.64
CD2 YSA C . -4.60 -6.89 -15.32
CG YSA C . -5.94 -6.98 -15.69
CB YSA C . -6.76 -8.19 -15.32
CA YSA C . -7.99 -7.88 -14.46
N YSA C . -7.63 -7.13 -13.25
C YSA C . -8.54 -9.22 -14.03
O YSA C . -8.25 -9.76 -12.97
NAT YSA C . -9.41 -9.81 -14.93
SBI YSA C . -9.69 -11.37 -15.10
OAD YSA C . -10.41 -11.80 -13.95
OAE YSA C . -8.56 -12.09 -15.56
O5' YSA C . -10.74 -11.37 -16.29
C5' YSA C . -10.27 -10.86 -17.59
C4' YSA C . -11.39 -10.02 -18.16
O4' YSA C . -12.56 -10.83 -18.39
C3' YSA C . -11.83 -8.83 -17.30
O3' YSA C . -12.02 -7.68 -18.11
C2' YSA C . -13.15 -9.34 -16.71
O2' YSA C . -14.06 -8.32 -16.36
C1' YSA C . -13.68 -10.13 -17.89
N9 YSA C . -14.74 -11.07 -17.57
C8 YSA C . -14.70 -12.13 -16.69
N7 YSA C . -15.84 -12.75 -16.54
C5 YSA C . -16.70 -12.07 -17.39
C4 YSA C . -16.03 -11.04 -18.04
N3 YSA C . -16.55 -10.19 -18.94
C2 YSA C . -17.85 -10.42 -19.13
N1 YSA C . -18.62 -11.36 -18.57
C6 YSA C . -18.07 -12.22 -17.68
N6 YSA C . -18.86 -13.10 -17.06
C1 EDO D . -10.07 -18.14 -33.41
O1 EDO D . -9.82 -18.98 -34.54
C2 EDO D . -9.27 -18.66 -32.20
O2 EDO D . -9.49 -20.05 -31.99
CD1 YSA E . 11.58 5.10 11.40
CE1 YSA E . 11.86 3.76 11.19
CZ YSA E . 11.76 2.86 12.24
OH YSA E . 12.03 1.53 12.04
CE2 YSA E . 11.36 3.30 13.50
CD2 YSA E . 11.06 4.65 13.69
CG YSA E . 11.17 5.56 12.64
CB YSA E . 10.87 7.02 12.86
CA YSA E . 9.40 7.33 13.24
N YSA E . 8.44 6.70 12.31
C YSA E . 9.25 8.83 13.14
O YSA E . 8.77 9.46 12.20
NAT YSA E . 9.77 9.49 14.21
SBI YSA E . 10.22 11.01 14.33
OAD YSA E . 9.06 11.79 14.05
OAE YSA E . 11.47 11.34 13.74
O5' YSA E . 10.44 11.08 15.90
C5' YSA E . 11.50 10.25 16.48
C4' YSA E . 11.06 9.79 17.84
O4' YSA E . 10.82 10.95 18.68
C3' YSA E . 9.76 8.97 17.85
O3' YSA E . 9.86 7.82 18.67
C2' YSA E . 8.72 9.97 18.39
O2' YSA E . 7.63 9.35 19.06
C1' YSA E . 9.60 10.74 19.37
N9 YSA E . 9.04 12.02 19.80
C8 YSA E . 8.74 13.11 19.03
N7 YSA E . 8.18 14.09 19.70
C5 YSA E . 8.12 13.62 21.00
C4 YSA E . 8.67 12.34 21.08
N3 YSA E . 8.83 11.60 22.19
C2 YSA E . 8.37 12.26 23.27
N1 YSA E . 7.82 13.47 23.33
C6 YSA E . 7.66 14.19 22.20
N6 YSA E . 7.12 15.40 22.29
C1 EDO F . 24.95 -7.17 23.36
O1 EDO F . 25.30 -6.92 24.69
C2 EDO F . 23.43 -7.42 23.23
O2 EDO F . 23.10 -8.64 23.91
C1 EDO G . 26.08 56.35 28.09
O1 EDO G . 26.35 57.72 28.37
C2 EDO G . 24.73 56.23 27.36
O2 EDO G . 24.85 56.77 26.05
#